data_7KM6
#
_entry.id   7KM6
#
_cell.length_a   54.074
_cell.length_b   68.823
_cell.length_c   88.759
_cell.angle_alpha   90.000
_cell.angle_beta   107.050
_cell.angle_gamma   90.000
#
_symmetry.space_group_name_H-M   'P 1 21 1'
#
loop_
_entity.id
_entity.type
_entity.pdbx_description
1 polymer '5G7 human monoclonal FAB light chain'
2 polymer '5G7 human monoclonal FAB heavy chain'
3 non-polymer 1,2-ETHANEDIOL
4 non-polymer 'CHLORIDE ION'
5 non-polymer 'SODIUM ION'
6 water water
#
loop_
_entity_poly.entity_id
_entity_poly.type
_entity_poly.pdbx_seq_one_letter_code
_entity_poly.pdbx_strand_id
1 'polypeptide(L)'
;MDIVMSQSPSSLAVSVGEKVTMSCKSSQSLLYSSNQKNYLAWYQQKPGQSPKLLIYWASTRESGVPDRFTGSGSGTDFTL
TISSVKAEDLAVYYCQQYYSYPYTFGGGTKLEIKAGSDYEFLKSWTVEDLQKRLLALDPMCEQEIEEIRQKYQSKRQPIL
DAIEAK
;
L,l
2 'polypeptide(L)'
;MEVQLLESGGDLVKPGGSLKLSCAASGFTFSSYGMSWVRQTPDKRLEWVATISSGGSYTYYPDSVKGRFTISRDNAKNTL
YLQMSSLKSEDTAMYYCARGGEGYYFDYWGQGTTLTVSSGSDYEFLKSWTVEDLQKRLLALDPMMEQEIEEIRQKCQSKR
QPILDAIEAKHHHHHH
;
H,h
#
# COMPACT_ATOMS: atom_id res chain seq x y z
N MET A 1 1.35 -12.94 18.71
CA MET A 1 1.26 -12.10 17.54
C MET A 1 2.56 -11.35 17.30
N ASP A 2 2.83 -11.09 16.03
CA ASP A 2 3.78 -10.05 15.69
C ASP A 2 3.30 -8.72 16.28
N ILE A 3 4.24 -7.81 16.46
CA ILE A 3 3.92 -6.47 16.92
C ILE A 3 3.52 -5.63 15.71
N VAL A 4 2.36 -5.00 15.79
CA VAL A 4 1.84 -4.18 14.71
C VAL A 4 2.06 -2.72 15.08
N MET A 5 2.63 -1.93 14.16
CA MET A 5 2.85 -0.50 14.35
C MET A 5 1.84 0.25 13.48
N SER A 6 1.02 1.08 14.11
CA SER A 6 -0.02 1.83 13.41
C SER A 6 0.24 3.32 13.58
N GLN A 7 0.35 4.05 12.47
CA GLN A 7 0.64 5.48 12.45
C GLN A 7 -0.55 6.30 11.99
N SER A 8 -0.60 7.53 12.47
CA SER A 8 -1.63 8.46 12.01
C SER A 8 -1.12 9.88 12.18
N PRO A 9 -1.55 10.82 11.30
CA PRO A 9 -2.44 10.59 10.16
C PRO A 9 -1.62 9.98 9.03
N SER A 10 -2.25 9.47 7.96
CA SER A 10 -1.44 8.91 6.88
C SER A 10 -0.77 10.02 6.08
N SER A 11 -1.38 11.19 5.97
CA SER A 11 -0.79 12.28 5.23
C SER A 11 -1.29 13.59 5.84
N LEU A 12 -0.50 14.63 5.65
CA LEU A 12 -0.87 15.94 6.19
C LEU A 12 -0.32 16.99 5.26
N ALA A 13 -1.19 17.85 4.72
CA ALA A 13 -0.75 19.01 3.97
C ALA A 13 -0.55 20.16 4.96
N VAL A 14 0.66 20.72 4.99
CA VAL A 14 1.05 21.67 6.02
C VAL A 14 1.52 22.96 5.37
N SER A 15 1.45 24.04 6.14
CA SER A 15 2.12 25.29 5.83
C SER A 15 3.40 25.37 6.64
N VAL A 16 4.43 25.97 6.03
CA VAL A 16 5.69 26.21 6.73
C VAL A 16 5.43 26.97 8.03
N GLY A 17 6.03 26.49 9.10
CA GLY A 17 5.92 27.11 10.41
C GLY A 17 4.88 26.50 11.30
N GLU A 18 4.01 25.66 10.75
CA GLU A 18 2.95 25.01 11.51
C GLU A 18 3.54 23.95 12.44
N LYS A 19 2.90 23.77 13.58
CA LYS A 19 3.23 22.65 14.46
C LYS A 19 2.59 21.38 13.94
N VAL A 20 3.35 20.30 13.92
CA VAL A 20 2.89 19.03 13.41
C VAL A 20 3.09 17.99 14.50
N THR A 21 2.06 17.17 14.73
CA THR A 21 2.10 16.07 15.69
C THR A 21 1.77 14.79 14.93
N MET A 22 2.66 13.80 15.03
N MET A 22 2.69 13.83 14.98
CA MET A 22 2.52 12.52 14.35
CA MET A 22 2.44 12.53 14.40
C MET A 22 2.48 11.43 15.42
C MET A 22 2.34 11.51 15.52
N SER A 23 1.52 10.50 15.31
CA SER A 23 1.30 9.48 16.33
C SER A 23 1.62 8.08 15.82
N CYS A 24 2.08 7.21 16.74
N CYS A 24 1.99 7.23 16.77
CA CYS A 24 2.32 5.81 16.39
CA CYS A 24 2.36 5.85 16.53
C CYS A 24 1.97 4.94 17.59
C CYS A 24 1.79 5.03 17.67
N LYS A 25 1.18 3.90 17.34
CA LYS A 25 0.65 2.99 18.33
C LYS A 25 1.26 1.62 18.06
N SER A 26 1.80 0.98 19.10
N SER A 26 1.74 0.97 19.12
CA SER A 26 2.19 -0.42 18.96
CA SER A 26 2.21 -0.41 19.06
C SER A 26 1.16 -1.32 19.64
C SER A 26 1.18 -1.34 19.70
N SER A 27 1.04 -2.54 19.14
CA SER A 27 0.08 -3.49 19.66
C SER A 27 0.58 -4.14 20.95
N GLN A 28 1.85 -3.97 21.27
N GLN A 28 1.85 -3.97 21.27
CA GLN A 28 2.42 -4.46 22.51
CA GLN A 28 2.48 -4.50 22.47
C GLN A 28 3.39 -3.41 23.05
C GLN A 28 3.41 -3.42 23.03
N SER A 29 3.51 -3.36 24.37
CA SER A 29 4.44 -2.42 25.00
C SER A 29 5.85 -2.66 24.46
N LEU A 30 6.55 -1.56 24.18
CA LEU A 30 7.94 -1.63 23.74
C LEU A 30 8.92 -1.25 24.83
N LEU A 31 8.45 -1.13 26.08
CA LEU A 31 9.26 -0.67 27.20
C LEU A 31 9.80 -1.88 27.94
N TYR A 32 11.11 -1.94 28.11
N TYR A 32 11.10 -1.96 28.09
CA TYR A 32 11.74 -2.94 28.96
CA TYR A 32 11.71 -2.94 28.98
C TYR A 32 11.87 -2.35 30.36
C TYR A 32 11.83 -2.32 30.36
N SER A 33 11.13 -2.92 31.33
CA SER A 33 11.10 -2.33 32.67
C SER A 33 12.48 -2.31 33.31
N SER A 34 13.33 -3.31 33.03
CA SER A 34 14.59 -3.43 33.76
C SER A 34 15.53 -2.28 33.47
N ASN A 35 15.49 -1.70 32.25
CA ASN A 35 16.34 -0.57 31.94
C ASN A 35 15.55 0.69 31.54
N GLN A 36 14.21 0.64 31.57
CA GLN A 36 13.36 1.80 31.32
C GLN A 36 13.59 2.40 29.94
N LYS A 37 13.91 1.56 28.94
CA LYS A 37 14.08 2.01 27.57
C LYS A 37 12.91 1.51 26.72
N ASN A 38 12.45 2.36 25.81
CA ASN A 38 11.47 2.02 24.79
C ASN A 38 12.21 1.71 23.49
N TYR A 39 11.96 0.51 22.94
CA TYR A 39 12.67 0.05 21.73
C TYR A 39 11.94 0.49 20.45
N LEU A 40 11.96 1.80 20.23
CA LEU A 40 11.14 2.47 19.23
C LEU A 40 12.01 3.48 18.50
N ALA A 41 11.97 3.50 17.16
CA ALA A 41 12.73 4.48 16.38
C ALA A 41 11.81 5.20 15.41
N TRP A 42 12.22 6.41 15.00
CA TRP A 42 11.61 7.14 13.91
C TRP A 42 12.63 7.38 12.80
N TYR A 43 12.21 7.17 11.54
CA TYR A 43 13.04 7.44 10.37
C TYR A 43 12.38 8.52 9.51
N GLN A 44 13.21 9.31 8.86
CA GLN A 44 12.76 10.32 7.91
C GLN A 44 13.18 9.89 6.51
N GLN A 45 12.26 9.95 5.55
CA GLN A 45 12.65 9.60 4.18
C GLN A 45 12.07 10.61 3.20
N LYS A 46 12.94 11.26 2.48
CA LYS A 46 12.48 12.13 1.39
C LYS A 46 12.36 11.36 0.08
N PRO A 47 11.54 11.81 -0.87
CA PRO A 47 11.37 11.03 -2.12
C PRO A 47 12.68 10.89 -2.89
N GLY A 48 12.97 9.67 -3.30
CA GLY A 48 14.20 9.43 -4.03
C GLY A 48 15.44 9.35 -3.17
N GLN A 49 15.32 9.41 -1.85
CA GLN A 49 16.46 9.32 -0.95
C GLN A 49 16.30 8.11 -0.03
N SER A 50 17.41 7.67 0.58
CA SER A 50 17.36 6.60 1.57
C SER A 50 16.74 7.09 2.89
N PRO A 51 16.12 6.18 3.65
CA PRO A 51 15.67 6.54 5.00
C PRO A 51 16.84 6.97 5.84
N LYS A 52 16.56 7.86 6.78
CA LYS A 52 17.55 8.39 7.70
C LYS A 52 17.03 8.25 9.14
N LEU A 53 17.87 7.70 10.02
CA LEU A 53 17.44 7.59 11.41
C LEU A 53 17.32 8.98 12.02
N LEU A 54 16.18 9.22 12.67
CA LEU A 54 15.85 10.52 13.25
C LEU A 54 15.85 10.53 14.77
N ILE A 55 15.09 9.60 15.37
CA ILE A 55 14.89 9.48 16.81
C ILE A 55 15.05 8.01 17.15
N TYR A 56 15.66 7.71 18.30
CA TYR A 56 15.64 6.33 18.77
C TYR A 56 15.53 6.33 20.29
N TRP A 57 15.35 5.14 20.89
CA TRP A 57 14.92 5.07 22.30
C TRP A 57 13.70 5.98 22.54
N ALA A 58 12.88 6.12 21.51
CA ALA A 58 11.65 6.92 21.53
C ALA A 58 11.90 8.42 21.65
N SER A 59 12.96 8.87 22.32
CA SER A 59 13.11 10.31 22.52
C SER A 59 14.51 10.88 22.27
N THR A 60 15.47 10.06 21.84
CA THR A 60 16.82 10.56 21.63
C THR A 60 17.00 10.99 20.18
N ARG A 61 17.49 12.20 19.97
CA ARG A 61 17.76 12.70 18.62
C ARG A 61 19.09 12.14 18.11
N GLU A 62 19.10 11.65 16.88
CA GLU A 62 20.35 11.31 16.22
C GLU A 62 21.17 12.57 15.94
N SER A 63 22.48 12.36 15.76
CA SER A 63 23.39 13.48 15.48
C SER A 63 22.87 14.33 14.33
N GLY A 64 22.97 15.65 14.51
CA GLY A 64 22.55 16.58 13.49
C GLY A 64 21.06 16.90 13.46
N VAL A 65 20.23 16.15 14.18
CA VAL A 65 18.78 16.37 14.14
C VAL A 65 18.42 17.59 14.98
N PRO A 66 17.77 18.61 14.41
CA PRO A 66 17.54 19.86 15.16
C PRO A 66 16.50 19.71 16.26
N ASP A 67 16.53 20.65 17.20
CA ASP A 67 15.74 20.48 18.41
C ASP A 67 14.25 20.75 18.21
N ARG A 68 13.82 21.22 17.03
CA ARG A 68 12.39 21.35 16.77
C ARG A 68 11.70 19.99 16.64
N PHE A 69 12.47 18.91 16.45
CA PHE A 69 11.94 17.56 16.53
C PHE A 69 11.98 17.06 17.96
N THR A 70 10.86 16.55 18.45
CA THR A 70 10.81 15.94 19.78
C THR A 70 10.06 14.63 19.70
N GLY A 71 10.69 13.54 20.13
CA GLY A 71 9.98 12.27 20.28
C GLY A 71 9.56 12.07 21.72
N SER A 72 8.36 11.51 21.92
CA SER A 72 7.87 11.32 23.27
C SER A 72 6.99 10.08 23.31
N GLY A 73 6.58 9.71 24.52
CA GLY A 73 5.71 8.56 24.72
C GLY A 73 6.46 7.37 25.30
N SER A 74 5.67 6.36 25.67
CA SER A 74 6.21 5.20 26.36
C SER A 74 5.22 4.06 26.24
N GLY A 75 5.75 2.83 26.29
CA GLY A 75 4.87 1.68 26.30
C GLY A 75 4.29 1.41 24.94
N THR A 76 3.05 1.87 24.67
CA THR A 76 2.41 1.62 23.39
C THR A 76 2.12 2.88 22.59
N ASP A 77 2.18 4.06 23.21
CA ASP A 77 1.74 5.30 22.58
C ASP A 77 2.95 6.22 22.36
N PHE A 78 3.23 6.55 21.11
CA PHE A 78 4.38 7.39 20.81
C PHE A 78 3.98 8.53 19.89
N THR A 79 4.74 9.61 20.00
CA THR A 79 4.49 10.84 19.28
C THR A 79 5.78 11.43 18.78
N LEU A 80 5.75 11.93 17.55
CA LEU A 80 6.82 12.78 17.04
C LEU A 80 6.22 14.14 16.75
N THR A 81 6.79 15.19 17.35
CA THR A 81 6.32 16.56 17.20
C THR A 81 7.38 17.38 16.49
N ILE A 82 6.96 18.20 15.53
CA ILE A 82 7.80 19.24 14.96
C ILE A 82 7.19 20.55 15.41
N SER A 83 7.91 21.29 16.26
CA SER A 83 7.31 22.47 16.88
C SER A 83 6.97 23.55 15.85
N SER A 84 7.72 23.58 14.75
CA SER A 84 7.52 24.56 13.69
C SER A 84 8.15 23.97 12.44
N VAL A 85 7.32 23.53 11.51
CA VAL A 85 7.83 22.72 10.40
C VAL A 85 8.54 23.61 9.39
N LYS A 86 9.72 23.18 8.97
CA LYS A 86 10.44 23.84 7.88
C LYS A 86 10.26 23.06 6.59
N ALA A 87 10.52 23.74 5.48
CA ALA A 87 10.41 23.06 4.18
C ALA A 87 11.31 21.83 4.12
N GLU A 88 12.49 21.89 4.75
CA GLU A 88 13.38 20.73 4.70
C GLU A 88 12.88 19.56 5.55
N ASP A 89 11.81 19.75 6.31
CA ASP A 89 11.18 18.63 7.03
C ASP A 89 10.10 17.92 6.21
N LEU A 90 9.81 18.40 5.00
CA LEU A 90 8.79 17.77 4.16
C LEU A 90 9.33 16.41 3.73
N ALA A 91 8.71 15.36 4.23
CA ALA A 91 9.24 14.00 4.14
C ALA A 91 8.17 13.05 4.66
N VAL A 92 8.45 11.75 4.55
CA VAL A 92 7.63 10.68 5.15
C VAL A 92 8.33 10.22 6.40
N TYR A 93 7.58 10.06 7.48
CA TYR A 93 8.12 9.69 8.77
C TYR A 93 7.57 8.33 9.14
N TYR A 94 8.47 7.37 9.39
CA TYR A 94 8.15 5.99 9.71
C TYR A 94 8.57 5.69 11.13
N CYS A 95 7.67 5.08 11.91
N CYS A 95 7.73 4.92 11.82
CA CYS A 95 8.08 4.55 13.21
CA CYS A 95 7.99 4.50 13.19
C CYS A 95 8.44 3.07 13.03
C CYS A 95 8.22 2.99 13.22
N GLN A 96 9.24 2.55 13.95
CA GLN A 96 9.66 1.15 13.85
C GLN A 96 9.97 0.63 15.25
N GLN A 97 9.50 -0.58 15.56
CA GLN A 97 9.92 -1.24 16.81
C GLN A 97 11.09 -2.18 16.51
N TYR A 98 12.07 -2.16 17.41
CA TYR A 98 13.17 -3.12 17.42
C TYR A 98 13.20 -3.87 18.75
N TYR A 99 12.00 -4.10 19.30
CA TYR A 99 11.81 -4.83 20.55
C TYR A 99 11.80 -6.34 20.34
N SER A 100 11.23 -6.84 19.25
N SER A 100 11.26 -6.83 19.22
CA SER A 100 11.27 -8.28 19.03
CA SER A 100 11.11 -8.26 19.03
C SER A 100 11.02 -8.59 17.56
C SER A 100 10.98 -8.58 17.54
N TYR A 101 11.60 -9.70 17.10
CA TYR A 101 11.42 -10.11 15.72
C TYR A 101 10.00 -10.64 15.51
N PRO A 102 9.39 -10.41 14.34
CA PRO A 102 9.91 -9.65 13.21
C PRO A 102 9.89 -8.18 13.52
N TYR A 103 10.97 -7.46 13.20
CA TYR A 103 10.92 -6.01 13.36
C TYR A 103 9.89 -5.46 12.38
N THR A 104 9.11 -4.49 12.84
CA THR A 104 7.99 -3.98 12.06
C THR A 104 7.97 -2.46 12.02
N PHE A 105 7.56 -1.91 10.87
CA PHE A 105 7.41 -0.49 10.63
C PHE A 105 5.93 -0.11 10.57
N GLY A 106 5.63 1.10 11.01
CA GLY A 106 4.35 1.68 10.68
C GLY A 106 4.29 2.09 9.21
N GLY A 107 3.07 2.46 8.78
CA GLY A 107 2.85 2.82 7.40
C GLY A 107 3.33 4.19 7.00
N GLY A 108 3.79 4.98 7.95
CA GLY A 108 4.32 6.28 7.62
C GLY A 108 3.29 7.39 7.69
N THR A 109 3.79 8.59 7.98
CA THR A 109 3.03 9.84 7.90
C THR A 109 3.72 10.72 6.86
N LYS A 110 3.00 11.09 5.82
CA LYS A 110 3.58 11.91 4.76
C LYS A 110 3.27 13.37 5.03
N LEU A 111 4.30 14.21 5.12
CA LEU A 111 4.09 15.66 5.23
C LEU A 111 4.38 16.29 3.88
N GLU A 112 3.44 17.08 3.37
CA GLU A 112 3.62 17.77 2.10
C GLU A 112 3.10 19.19 2.25
N ILE A 113 3.65 20.10 1.45
CA ILE A 113 3.27 21.51 1.49
C ILE A 113 1.91 21.70 0.80
N LYS A 114 1.12 22.64 1.32
CA LYS A 114 -0.14 22.96 0.68
C LYS A 114 0.10 23.62 -0.67
N ALA A 115 -0.68 23.21 -1.67
CA ALA A 115 -0.60 23.83 -2.98
C ALA A 115 -1.25 25.20 -2.94
N GLY A 116 -0.60 26.17 -3.58
CA GLY A 116 -1.13 27.51 -3.74
C GLY A 116 -1.43 27.80 -5.20
N SER A 117 -2.01 28.98 -5.43
CA SER A 117 -2.32 29.40 -6.78
C SER A 117 -1.16 30.15 -7.44
N ASP A 118 -0.21 30.65 -6.65
CA ASP A 118 0.97 31.30 -7.21
C ASP A 118 2.13 31.04 -6.26
N TYR A 119 3.32 31.49 -6.66
CA TYR A 119 4.51 31.20 -5.88
C TYR A 119 5.05 32.44 -5.17
N GLU A 120 4.23 33.48 -4.99
CA GLU A 120 4.72 34.68 -4.30
C GLU A 120 5.16 34.36 -2.88
N PHE A 121 4.57 33.33 -2.26
CA PHE A 121 4.94 32.97 -0.90
C PHE A 121 6.42 32.59 -0.78
N LEU A 122 7.06 32.20 -1.88
CA LEU A 122 8.48 31.83 -1.81
C LEU A 122 9.37 33.00 -1.45
N LYS A 123 8.90 34.24 -1.65
CA LYS A 123 9.69 35.40 -1.27
C LYS A 123 9.94 35.47 0.23
N SER A 124 9.08 34.85 1.04
CA SER A 124 9.22 34.86 2.49
C SER A 124 10.19 33.80 2.99
N TRP A 125 10.74 32.97 2.12
CA TRP A 125 11.72 31.97 2.51
C TRP A 125 13.13 32.54 2.45
N THR A 126 14.03 31.97 3.26
CA THR A 126 15.43 32.34 3.15
C THR A 126 16.05 31.72 1.91
N VAL A 127 17.15 32.31 1.45
CA VAL A 127 17.85 31.74 0.29
C VAL A 127 18.29 30.31 0.59
N GLU A 128 18.73 30.04 1.82
CA GLU A 128 19.16 28.69 2.18
C GLU A 128 17.99 27.71 2.09
N ASP A 129 16.81 28.10 2.54
CA ASP A 129 15.66 27.21 2.46
C ASP A 129 15.20 27.01 1.02
N LEU A 130 15.30 28.04 0.19
CA LEU A 130 14.97 27.87 -1.22
C LEU A 130 15.94 26.90 -1.88
N GLN A 131 17.25 27.04 -1.60
CA GLN A 131 18.24 26.16 -2.21
C GLN A 131 18.03 24.71 -1.77
N LYS A 132 17.75 24.49 -0.48
CA LYS A 132 17.51 23.12 -0.02
C LYS A 132 16.31 22.50 -0.72
N ARG A 133 15.24 23.28 -0.85
CA ARG A 133 14.03 22.78 -1.50
C ARG A 133 14.31 22.44 -2.96
N LEU A 134 15.01 23.33 -3.68
CA LEU A 134 15.33 23.08 -5.07
C LEU A 134 16.09 21.76 -5.22
N LEU A 135 17.13 21.58 -4.43
CA LEU A 135 17.98 20.41 -4.55
C LEU A 135 17.30 19.13 -4.06
N ALA A 136 16.28 19.23 -3.19
CA ALA A 136 15.50 18.05 -2.82
C ALA A 136 14.71 17.47 -3.99
N LEU A 137 14.45 18.28 -5.02
CA LEU A 137 13.75 17.79 -6.19
C LEU A 137 14.61 16.87 -7.03
N ASP A 138 15.93 17.02 -6.95
CA ASP A 138 16.81 16.24 -7.82
C ASP A 138 16.72 14.74 -7.59
N PRO A 139 16.80 14.20 -6.37
CA PRO A 139 16.63 12.74 -6.24
C PRO A 139 15.21 12.29 -6.49
N MET A 140 14.23 13.13 -6.18
CA MET A 140 12.85 12.74 -6.43
C MET A 140 12.60 12.54 -7.91
N CYS A 141 13.03 13.49 -8.73
CA CYS A 141 12.81 13.39 -10.16
C CYS A 141 13.61 12.25 -10.74
N GLU A 142 14.86 12.08 -10.29
CA GLU A 142 15.64 11.00 -10.85
C GLU A 142 15.03 9.64 -10.53
N GLN A 143 14.45 9.47 -9.33
N GLN A 143 14.48 9.48 -9.32
CA GLN A 143 13.89 8.17 -9.01
CA GLN A 143 13.84 8.21 -8.95
C GLN A 143 12.64 7.87 -9.85
C GLN A 143 12.71 7.90 -9.92
N GLU A 144 11.92 8.91 -10.29
CA GLU A 144 10.80 8.68 -11.20
C GLU A 144 11.29 8.28 -12.58
N ILE A 145 12.38 8.90 -13.04
CA ILE A 145 12.98 8.53 -14.32
C ILE A 145 13.46 7.08 -14.27
N GLU A 146 14.14 6.71 -13.18
CA GLU A 146 14.64 5.34 -13.09
C GLU A 146 13.49 4.34 -13.08
N GLU A 147 12.37 4.68 -12.45
CA GLU A 147 11.23 3.77 -12.47
C GLU A 147 10.73 3.55 -13.90
N ILE A 148 10.82 4.57 -14.74
CA ILE A 148 10.39 4.41 -16.12
C ILE A 148 11.34 3.50 -16.86
N ARG A 149 12.64 3.69 -16.65
CA ARG A 149 13.63 2.83 -17.27
C ARG A 149 13.38 1.39 -16.88
N GLN A 150 13.04 1.16 -15.62
CA GLN A 150 12.81 -0.20 -15.14
C GLN A 150 11.57 -0.81 -15.76
N LYS A 151 10.52 0.01 -15.92
CA LYS A 151 9.30 -0.44 -16.59
C LYS A 151 9.59 -0.86 -18.03
N TYR A 152 10.35 -0.05 -18.77
CA TYR A 152 10.63 -0.40 -20.14
C TYR A 152 11.65 -1.52 -20.26
N GLN A 153 12.59 -1.63 -19.32
CA GLN A 153 13.39 -2.84 -19.28
C GLN A 153 12.49 -4.07 -19.24
N SER A 154 11.45 -4.04 -18.40
CA SER A 154 10.56 -5.19 -18.31
C SER A 154 9.79 -5.38 -19.61
N LYS A 155 9.40 -4.29 -20.26
CA LYS A 155 8.67 -4.40 -21.52
C LYS A 155 9.58 -4.96 -22.61
N ARG A 156 10.87 -4.60 -22.60
CA ARG A 156 11.74 -4.99 -23.69
C ARG A 156 12.15 -6.45 -23.59
N GLN A 157 12.18 -7.00 -22.37
CA GLN A 157 12.84 -8.29 -22.19
C GLN A 157 12.18 -9.45 -22.95
N PRO A 158 10.84 -9.58 -23.03
CA PRO A 158 10.29 -10.67 -23.85
C PRO A 158 10.71 -10.61 -25.29
N ILE A 159 10.84 -9.40 -25.84
CA ILE A 159 11.26 -9.26 -27.23
C ILE A 159 12.73 -9.61 -27.38
N LEU A 160 13.56 -9.15 -26.44
CA LEU A 160 14.97 -9.52 -26.46
C LEU A 160 15.17 -11.02 -26.33
N ASP A 161 14.36 -11.68 -25.48
CA ASP A 161 14.50 -13.13 -25.34
C ASP A 161 14.09 -13.85 -26.63
N ALA A 162 13.05 -13.35 -27.30
CA ALA A 162 12.63 -13.98 -28.55
C ALA A 162 13.71 -13.83 -29.62
N ILE A 163 14.29 -12.63 -29.74
CA ILE A 163 15.39 -12.41 -30.68
C ILE A 163 16.55 -13.34 -30.39
N GLU A 164 16.96 -13.40 -29.11
CA GLU A 164 18.09 -14.24 -28.74
C GLU A 164 17.84 -15.72 -29.04
N ALA A 165 16.59 -16.13 -29.14
CA ALA A 165 16.22 -17.51 -29.47
C ALA A 165 15.84 -17.67 -30.94
N GLU B 2 34.31 8.02 6.13
CA GLU B 2 33.13 7.83 6.95
C GLU B 2 32.49 6.49 6.65
N VAL B 3 31.37 6.23 7.32
CA VAL B 3 30.64 4.99 7.10
C VAL B 3 29.97 5.01 5.73
N GLN B 4 30.09 3.89 5.00
CA GLN B 4 29.44 3.78 3.70
C GLN B 4 28.93 2.37 3.49
N LEU B 5 27.70 2.26 2.98
CA LEU B 5 27.13 0.98 2.55
C LEU B 5 26.70 1.15 1.10
N LEU B 6 27.16 0.24 0.23
CA LEU B 6 26.89 0.35 -1.20
C LEU B 6 26.39 -0.99 -1.71
N GLU B 7 25.09 -1.06 -2.06
CA GLU B 7 24.50 -2.29 -2.56
C GLU B 7 24.69 -2.42 -4.07
N SER B 8 24.71 -3.67 -4.54
CA SER B 8 24.68 -3.93 -5.96
C SER B 8 23.98 -5.26 -6.20
N GLY B 9 23.66 -5.52 -7.46
CA GLY B 9 23.12 -6.80 -7.85
C GLY B 9 21.68 -6.78 -8.28
N GLY B 10 20.94 -5.68 -8.06
CA GLY B 10 19.56 -5.64 -8.49
C GLY B 10 19.43 -5.90 -9.98
N ASP B 11 18.31 -6.52 -10.36
CA ASP B 11 18.13 -6.93 -11.76
C ASP B 11 16.67 -7.27 -11.99
N LEU B 12 16.34 -7.49 -13.27
CA LEU B 12 15.04 -7.99 -13.69
C LEU B 12 15.12 -9.53 -13.71
N VAL B 13 14.19 -10.18 -13.01
CA VAL B 13 14.17 -11.64 -12.86
C VAL B 13 12.76 -12.17 -13.08
N LYS B 14 12.65 -13.39 -13.64
CA LYS B 14 11.36 -14.05 -13.80
C LYS B 14 10.86 -14.67 -12.48
N PRO B 15 9.55 -14.75 -12.29
CA PRO B 15 9.02 -15.46 -11.12
C PRO B 15 9.58 -16.87 -11.05
N GLY B 16 9.86 -17.33 -9.83
CA GLY B 16 10.53 -18.59 -9.61
C GLY B 16 12.03 -18.55 -9.76
N GLY B 17 12.60 -17.45 -10.24
CA GLY B 17 14.03 -17.32 -10.40
C GLY B 17 14.75 -16.97 -9.11
N SER B 18 16.04 -16.68 -9.25
CA SER B 18 16.89 -16.41 -8.10
C SER B 18 17.83 -15.26 -8.41
N LEU B 19 18.32 -14.61 -7.36
CA LEU B 19 19.21 -13.46 -7.51
C LEU B 19 19.97 -13.27 -6.21
N LYS B 20 21.22 -12.84 -6.31
CA LYS B 20 22.01 -12.56 -5.13
C LYS B 20 22.45 -11.10 -5.11
N LEU B 21 22.07 -10.39 -4.05
CA LEU B 21 22.49 -9.02 -3.82
C LEU B 21 23.75 -8.99 -2.95
N SER B 22 24.55 -7.92 -3.10
CA SER B 22 25.75 -7.69 -2.30
C SER B 22 25.72 -6.28 -1.73
N CYS B 23 26.39 -6.09 -0.61
CA CYS B 23 26.53 -4.77 -0.01
C CYS B 23 27.98 -4.62 0.46
N ALA B 24 28.68 -3.63 -0.07
CA ALA B 24 30.06 -3.37 0.32
C ALA B 24 30.06 -2.37 1.46
N ALA B 25 30.66 -2.74 2.59
CA ALA B 25 30.68 -1.88 3.77
C ALA B 25 32.07 -1.31 3.99
N SER B 26 32.13 -0.01 4.30
CA SER B 26 33.43 0.57 4.61
C SER B 26 33.29 1.65 5.67
N GLY B 27 34.41 1.96 6.31
CA GLY B 27 34.46 3.04 7.28
C GLY B 27 34.13 2.68 8.70
N PHE B 28 33.92 1.39 9.01
CA PHE B 28 33.68 0.92 10.37
C PHE B 28 34.08 -0.53 10.43
N THR B 29 34.22 -1.05 11.66
CA THR B 29 34.58 -2.45 11.87
C THR B 29 33.36 -3.32 11.61
N PHE B 30 33.22 -3.73 10.35
CA PHE B 30 32.05 -4.45 9.87
C PHE B 30 31.77 -5.70 10.70
N SER B 31 32.81 -6.45 11.06
CA SER B 31 32.60 -7.71 11.76
C SER B 31 32.08 -7.54 13.18
N SER B 32 32.03 -6.32 13.71
CA SER B 32 31.51 -6.12 15.05
C SER B 32 30.00 -5.99 15.10
N TYR B 33 29.33 -5.83 13.95
CA TYR B 33 27.94 -5.38 13.94
C TYR B 33 26.99 -6.40 13.31
N GLY B 34 25.85 -6.63 13.96
CA GLY B 34 24.74 -7.22 13.25
C GLY B 34 24.33 -6.33 12.08
N MET B 35 23.93 -6.96 10.97
CA MET B 35 23.58 -6.27 9.73
C MET B 35 22.24 -6.78 9.22
N SER B 36 21.55 -5.93 8.45
CA SER B 36 20.20 -6.29 8.00
C SER B 36 19.96 -5.89 6.57
N TRP B 37 18.91 -6.46 5.98
CA TRP B 37 18.32 -6.01 4.72
C TRP B 37 16.89 -5.56 5.00
N VAL B 38 16.52 -4.40 4.44
CA VAL B 38 15.16 -3.85 4.57
C VAL B 38 14.70 -3.50 3.16
N ARG B 39 13.48 -3.86 2.81
CA ARG B 39 13.04 -3.55 1.46
C ARG B 39 11.91 -2.54 1.48
N GLN B 40 11.78 -1.79 0.39
CA GLN B 40 10.70 -0.84 0.24
C GLN B 40 9.92 -1.18 -1.03
N THR B 41 8.66 -1.54 -0.86
CA THR B 41 7.83 -1.99 -1.96
C THR B 41 7.33 -0.78 -2.75
N PRO B 42 6.74 -1.00 -3.94
CA PRO B 42 6.30 0.15 -4.74
C PRO B 42 5.31 1.06 -4.03
N ASP B 43 4.51 0.53 -3.10
CA ASP B 43 3.59 1.35 -2.30
C ASP B 43 4.31 2.14 -1.20
N LYS B 44 5.64 2.05 -1.14
CA LYS B 44 6.51 2.75 -0.21
C LYS B 44 6.47 2.21 1.22
N ARG B 45 5.87 1.05 1.45
CA ARG B 45 5.98 0.43 2.77
C ARG B 45 7.40 -0.13 2.99
N LEU B 46 7.90 0.02 4.21
CA LEU B 46 9.20 -0.55 4.59
C LEU B 46 8.98 -1.87 5.28
N GLU B 47 9.75 -2.89 4.90
CA GLU B 47 9.63 -4.22 5.47
C GLU B 47 11.02 -4.76 5.76
N TRP B 48 11.24 -5.12 7.02
CA TRP B 48 12.48 -5.82 7.37
C TRP B 48 12.50 -7.21 6.74
N VAL B 49 13.64 -7.57 6.15
CA VAL B 49 13.78 -8.79 5.34
C VAL B 49 14.68 -9.83 6.00
N ALA B 50 15.73 -9.39 6.71
CA ALA B 50 16.70 -10.35 7.23
C ALA B 50 17.69 -9.63 8.14
N THR B 51 18.17 -10.32 9.20
CA THR B 51 19.27 -9.85 10.04
C THR B 51 20.23 -11.01 10.21
N ILE B 52 21.53 -10.68 10.27
CA ILE B 52 22.57 -11.68 10.54
C ILE B 52 23.39 -11.15 11.72
N SER B 53 23.75 -12.06 12.62
CA SER B 53 24.60 -11.70 13.76
C SER B 53 25.98 -11.27 13.25
N SER B 54 26.70 -10.57 14.13
CA SER B 54 28.01 -10.03 13.77
C SER B 54 28.95 -11.12 13.26
N GLY B 55 28.99 -12.28 13.93
CA GLY B 55 29.84 -13.40 13.55
C GLY B 55 29.31 -14.26 12.43
N GLY B 56 28.07 -14.09 12.03
CA GLY B 56 27.48 -14.83 10.93
C GLY B 56 26.78 -16.11 11.32
N SER B 57 26.85 -16.51 12.59
CA SER B 57 26.35 -17.79 13.05
C SER B 57 24.84 -17.84 13.15
N TYR B 58 24.17 -16.71 13.31
CA TYR B 58 22.73 -16.68 13.55
C TYR B 58 22.06 -15.75 12.57
N THR B 59 20.93 -16.20 12.00
CA THR B 59 20.16 -15.38 11.06
C THR B 59 18.70 -15.37 11.48
N TYR B 60 17.99 -14.31 11.08
CA TYR B 60 16.59 -14.11 11.45
C TYR B 60 15.84 -13.58 10.24
N TYR B 61 14.61 -14.08 10.06
CA TYR B 61 13.82 -13.72 8.88
C TYR B 61 12.37 -13.60 9.29
N PRO B 62 11.60 -12.76 8.61
CA PRO B 62 10.15 -12.81 8.75
C PRO B 62 9.58 -13.94 7.90
N ASP B 63 8.37 -14.36 8.26
CA ASP B 63 7.73 -15.47 7.55
C ASP B 63 7.54 -15.22 6.07
N SER B 64 7.49 -13.95 5.62
CA SER B 64 7.26 -13.66 4.21
C SER B 64 8.41 -14.11 3.32
N VAL B 65 9.63 -14.27 3.86
CA VAL B 65 10.76 -14.62 3.01
C VAL B 65 11.47 -15.85 3.57
N LYS B 66 11.05 -16.31 4.75
CA LYS B 66 11.72 -17.44 5.38
C LYS B 66 11.68 -18.66 4.46
N GLY B 67 12.81 -19.32 4.33
CA GLY B 67 12.91 -20.44 3.45
C GLY B 67 13.21 -20.11 2.01
N ARG B 68 13.08 -18.84 1.61
CA ARG B 68 13.39 -18.42 0.25
C ARG B 68 14.59 -17.51 0.16
N PHE B 69 14.82 -16.70 1.19
CA PHE B 69 15.92 -15.76 1.25
C PHE B 69 16.98 -16.28 2.21
N THR B 70 18.24 -15.96 1.91
CA THR B 70 19.36 -16.32 2.76
C THR B 70 20.28 -15.11 2.89
N ILE B 71 20.49 -14.63 4.12
CA ILE B 71 21.44 -13.53 4.38
C ILE B 71 22.76 -14.15 4.82
N SER B 72 23.87 -13.60 4.35
CA SER B 72 25.19 -14.12 4.70
C SER B 72 26.20 -12.98 4.69
N ARG B 73 27.40 -13.26 5.20
CA ARG B 73 28.38 -12.17 5.32
C ARG B 73 29.79 -12.74 5.20
N ASP B 74 30.72 -11.86 4.86
CA ASP B 74 32.15 -12.17 4.83
C ASP B 74 32.83 -11.07 5.61
N ASN B 75 33.25 -11.38 6.84
CA ASN B 75 33.78 -10.36 7.73
C ASN B 75 35.18 -9.91 7.33
N ALA B 76 35.94 -10.73 6.63
CA ALA B 76 37.23 -10.26 6.18
C ALA B 76 37.09 -9.37 4.95
N LYS B 77 36.10 -9.64 4.10
CA LYS B 77 35.91 -8.87 2.87
C LYS B 77 34.87 -7.76 3.02
N ASN B 78 34.31 -7.60 4.22
CA ASN B 78 33.39 -6.49 4.54
C ASN B 78 32.21 -6.44 3.56
N THR B 79 31.61 -7.61 3.31
CA THR B 79 30.50 -7.72 2.38
C THR B 79 29.33 -8.44 3.03
N LEU B 80 28.15 -7.94 2.77
CA LEU B 80 26.89 -8.56 3.16
C LEU B 80 26.19 -9.05 1.89
N TYR B 81 25.52 -10.20 1.97
CA TYR B 81 24.84 -10.79 0.82
C TYR B 81 23.38 -11.09 1.15
N LEU B 82 22.54 -11.11 0.12
CA LEU B 82 21.17 -11.61 0.26
C LEU B 82 20.87 -12.46 -0.97
N GLN B 83 20.77 -13.77 -0.78
CA GLN B 83 20.38 -14.65 -1.88
C GLN B 83 18.88 -14.86 -1.81
N MET B 84 18.20 -14.60 -2.91
CA MET B 84 16.73 -14.65 -2.95
C MET B 84 16.33 -15.74 -3.94
N SER B 85 15.52 -16.70 -3.51
CA SER B 85 15.11 -17.78 -4.40
C SER B 85 13.58 -17.86 -4.43
N SER B 86 13.07 -18.63 -5.41
CA SER B 86 11.61 -18.77 -5.62
C SER B 86 10.94 -17.40 -5.62
N LEU B 87 11.49 -16.50 -6.41
CA LEU B 87 11.07 -15.10 -6.37
C LEU B 87 9.63 -14.99 -6.84
N LYS B 88 8.90 -14.08 -6.19
CA LYS B 88 7.50 -13.81 -6.44
C LYS B 88 7.33 -12.36 -6.88
N SER B 89 6.22 -12.09 -7.57
CA SER B 89 5.92 -10.72 -7.98
C SER B 89 5.98 -9.77 -6.79
N GLU B 90 5.54 -10.23 -5.63
CA GLU B 90 5.55 -9.38 -4.45
C GLU B 90 6.96 -9.09 -3.91
N ASP B 91 8.00 -9.75 -4.43
CA ASP B 91 9.34 -9.41 -3.95
C ASP B 91 9.92 -8.18 -4.65
N THR B 92 9.25 -7.69 -5.71
CA THR B 92 9.68 -6.48 -6.39
C THR B 92 9.77 -5.34 -5.40
N ALA B 93 10.96 -4.76 -5.25
CA ALA B 93 11.16 -3.73 -4.24
C ALA B 93 12.56 -3.17 -4.37
N MET B 94 12.77 -2.04 -3.70
N MET B 94 12.80 -2.06 -3.68
CA MET B 94 14.12 -1.55 -3.47
CA MET B 94 14.15 -1.57 -3.51
C MET B 94 14.67 -2.22 -2.22
C MET B 94 14.71 -2.13 -2.21
N TYR B 95 15.87 -2.78 -2.31
CA TYR B 95 16.46 -3.48 -1.18
C TYR B 95 17.61 -2.65 -0.61
N TYR B 96 17.53 -2.33 0.67
CA TYR B 96 18.53 -1.57 1.38
C TYR B 96 19.32 -2.45 2.32
N CYS B 97 20.63 -2.27 2.28
N CYS B 97 20.65 -2.32 2.31
CA CYS B 97 21.51 -2.75 3.32
CA CYS B 97 21.42 -2.92 3.39
C CYS B 97 21.44 -1.76 4.49
C CYS B 97 21.62 -1.87 4.47
N ALA B 98 21.41 -2.29 5.72
CA ALA B 98 21.37 -1.40 6.87
C ALA B 98 22.17 -1.98 8.02
N ARG B 99 22.87 -1.11 8.74
CA ARG B 99 23.55 -1.54 9.95
C ARG B 99 22.57 -1.52 11.11
N GLY B 100 22.44 -2.64 11.78
CA GLY B 100 21.48 -2.73 12.86
C GLY B 100 20.70 -4.01 12.78
N GLY B 101 19.62 -4.06 13.57
CA GLY B 101 19.01 -5.31 13.94
C GLY B 101 19.64 -5.82 15.23
N GLU B 102 19.27 -7.03 15.62
CA GLU B 102 19.81 -7.67 16.83
C GLU B 102 19.67 -6.75 18.05
N GLY B 103 18.48 -6.18 18.23
CA GLY B 103 18.24 -5.35 19.39
C GLY B 103 18.54 -3.89 19.21
N TYR B 104 18.91 -3.46 18.01
CA TYR B 104 19.19 -2.06 17.73
C TYR B 104 18.44 -1.58 16.50
N TYR B 105 18.17 -0.28 16.52
CA TYR B 105 17.70 0.49 15.37
C TYR B 105 18.68 0.39 14.19
N PHE B 106 18.23 0.85 13.02
CA PHE B 106 19.05 0.87 11.82
C PHE B 106 19.68 2.25 11.71
N ASP B 107 20.97 2.37 12.07
CA ASP B 107 21.54 3.71 12.08
C ASP B 107 22.19 4.12 10.78
N TYR B 108 22.61 3.18 9.93
CA TYR B 108 23.15 3.53 8.63
C TYR B 108 22.45 2.68 7.58
N TRP B 109 22.08 3.33 6.47
CA TRP B 109 21.37 2.71 5.36
C TRP B 109 22.15 2.91 4.07
N GLY B 110 22.09 1.93 3.18
CA GLY B 110 22.71 2.09 1.88
C GLY B 110 21.85 2.92 0.95
N GLN B 111 22.26 2.94 -0.32
CA GLN B 111 21.56 3.68 -1.36
C GLN B 111 20.44 2.87 -1.99
N GLY B 112 20.44 1.56 -1.77
CA GLY B 112 19.42 0.67 -2.27
C GLY B 112 19.77 0.11 -3.63
N THR B 113 19.30 -1.11 -3.88
CA THR B 113 19.37 -1.70 -5.21
C THR B 113 18.01 -2.36 -5.48
N THR B 114 17.56 -2.26 -6.73
CA THR B 114 16.18 -2.60 -7.09
C THR B 114 16.08 -3.99 -7.69
N LEU B 115 15.14 -4.78 -7.17
CA LEU B 115 14.75 -6.05 -7.77
C LEU B 115 13.40 -5.85 -8.46
N THR B 116 13.32 -6.22 -9.73
CA THR B 116 12.06 -6.25 -10.45
C THR B 116 11.78 -7.68 -10.85
N VAL B 117 10.68 -8.23 -10.37
CA VAL B 117 10.23 -9.57 -10.75
C VAL B 117 9.20 -9.37 -11.86
N SER B 118 9.46 -9.96 -13.03
CA SER B 118 8.62 -9.71 -14.20
C SER B 118 7.24 -10.34 -14.01
N SER B 119 6.35 -10.07 -14.99
CA SER B 119 4.94 -10.42 -14.83
C SER B 119 4.73 -11.93 -14.79
N GLY B 120 5.54 -12.69 -15.51
CA GLY B 120 5.33 -14.12 -15.65
C GLY B 120 4.38 -14.48 -16.77
N SER B 121 3.98 -13.52 -17.60
CA SER B 121 3.13 -13.81 -18.73
C SER B 121 3.93 -14.51 -19.81
N ASP B 122 3.25 -15.40 -20.52
CA ASP B 122 3.87 -16.22 -21.56
C ASP B 122 3.84 -15.50 -22.91
N TYR B 123 5.03 -15.17 -23.42
CA TYR B 123 5.19 -14.54 -24.74
C TYR B 123 5.67 -15.52 -25.80
N GLU B 124 5.19 -16.77 -25.75
CA GLU B 124 5.58 -17.78 -26.73
C GLU B 124 5.22 -17.38 -28.16
N PHE B 125 4.18 -16.58 -28.35
CA PHE B 125 3.79 -16.23 -29.71
C PHE B 125 4.88 -15.44 -30.45
N LEU B 126 5.73 -14.74 -29.71
CA LEU B 126 6.80 -13.95 -30.32
C LEU B 126 7.79 -14.82 -31.10
N LYS B 127 7.87 -16.11 -30.79
CA LYS B 127 8.78 -17.00 -31.52
C LYS B 127 8.38 -17.15 -32.98
N SER B 128 7.11 -16.92 -33.29
CA SER B 128 6.59 -16.99 -34.65
C SER B 128 6.92 -15.75 -35.46
N TRP B 129 7.47 -14.73 -34.82
CA TRP B 129 7.79 -13.49 -35.50
C TRP B 129 9.20 -13.56 -36.09
N THR B 130 9.39 -12.86 -37.21
CA THR B 130 10.74 -12.71 -37.75
C THR B 130 11.56 -11.78 -36.86
N VAL B 131 12.88 -11.91 -37.00
CA VAL B 131 13.76 -11.03 -36.25
C VAL B 131 13.53 -9.57 -36.66
N GLU B 132 13.16 -9.34 -37.92
CA GLU B 132 12.90 -7.98 -38.39
C GLU B 132 11.67 -7.40 -37.70
N ASP B 133 10.59 -8.18 -37.60
CA ASP B 133 9.39 -7.70 -36.92
C ASP B 133 9.64 -7.48 -35.43
N LEU B 134 10.45 -8.35 -34.83
CA LEU B 134 10.78 -8.16 -33.41
C LEU B 134 11.61 -6.91 -33.20
N GLN B 135 12.56 -6.64 -34.10
CA GLN B 135 13.38 -5.45 -33.92
C GLN B 135 12.56 -4.18 -34.09
N LYS B 136 11.60 -4.20 -35.02
CA LYS B 136 10.73 -3.04 -35.18
C LYS B 136 9.90 -2.80 -33.93
N ARG B 137 9.44 -3.87 -33.27
CA ARG B 137 8.68 -3.69 -32.04
C ARG B 137 9.56 -3.07 -30.94
N LEU B 138 10.84 -3.45 -30.89
CA LEU B 138 11.78 -2.80 -29.97
C LEU B 138 11.97 -1.33 -30.29
N LEU B 139 12.22 -1.01 -31.56
CA LEU B 139 12.46 0.38 -31.94
C LEU B 139 11.25 1.25 -31.65
N ALA B 140 10.06 0.66 -31.64
CA ALA B 140 8.86 1.43 -31.31
C ALA B 140 8.75 1.72 -29.82
N LEU B 141 9.39 0.93 -28.95
CA LEU B 141 9.35 1.21 -27.52
C LEU B 141 10.25 2.37 -27.13
N ASP B 142 11.33 2.61 -27.88
CA ASP B 142 12.27 3.67 -27.52
C ASP B 142 11.61 5.04 -27.46
N PRO B 143 10.92 5.54 -28.50
CA PRO B 143 10.31 6.86 -28.38
C PRO B 143 9.25 6.91 -27.31
N MET B 144 8.61 5.79 -27.00
CA MET B 144 7.63 5.76 -25.93
C MET B 144 8.31 5.95 -24.58
N MET B 145 9.45 5.31 -24.36
CA MET B 145 10.17 5.53 -23.12
C MET B 145 10.72 6.96 -23.07
N GLU B 146 11.29 7.43 -24.18
CA GLU B 146 11.82 8.79 -24.22
C GLU B 146 10.74 9.80 -23.91
N GLN B 147 9.53 9.61 -24.45
CA GLN B 147 8.46 10.56 -24.17
C GLN B 147 8.05 10.55 -22.69
N GLU B 148 7.98 9.37 -22.07
CA GLU B 148 7.62 9.35 -20.66
C GLU B 148 8.71 9.96 -19.80
N ILE B 149 9.98 9.74 -20.15
CA ILE B 149 11.07 10.38 -19.41
C ILE B 149 11.01 11.89 -19.59
N GLU B 150 10.87 12.34 -20.85
CA GLU B 150 10.75 13.77 -21.13
C GLU B 150 9.59 14.41 -20.36
N GLU B 151 8.48 13.68 -20.20
CA GLU B 151 7.36 14.20 -19.43
C GLU B 151 7.72 14.38 -17.95
N ILE B 152 8.46 13.43 -17.37
CA ILE B 152 8.91 13.62 -15.99
C ILE B 152 9.86 14.81 -15.92
N ARG B 153 10.78 14.91 -16.88
CA ARG B 153 11.74 16.00 -16.82
C ARG B 153 11.02 17.34 -16.93
N GLN B 154 10.00 17.41 -17.77
CA GLN B 154 9.28 18.67 -17.91
C GLN B 154 8.49 19.00 -16.64
N LYS B 155 7.84 18.00 -16.03
CA LYS B 155 7.13 18.23 -14.77
C LYS B 155 8.08 18.69 -13.67
N CYS B 156 9.30 18.14 -13.66
N CYS B 156 9.29 18.10 -13.63
CA CYS B 156 10.26 18.53 -12.65
CA CYS B 156 10.31 18.51 -12.68
C CYS B 156 10.74 19.96 -12.86
C CYS B 156 10.69 19.97 -12.86
N GLN B 157 10.95 20.36 -14.11
CA GLN B 157 11.30 21.75 -14.40
C GLN B 157 10.21 22.70 -13.93
N SER B 158 8.93 22.30 -14.09
CA SER B 158 7.84 23.15 -13.65
C SER B 158 7.88 23.39 -12.15
N LYS B 159 8.43 22.43 -11.40
CA LYS B 159 8.61 22.64 -9.98
C LYS B 159 9.86 23.46 -9.68
N ARG B 160 10.91 23.32 -10.49
CA ARG B 160 12.16 24.00 -10.17
C ARG B 160 12.10 25.47 -10.52
N GLN B 161 11.42 25.82 -11.62
CA GLN B 161 11.51 27.18 -12.15
C GLN B 161 11.08 28.23 -11.15
N PRO B 162 9.97 28.08 -10.41
CA PRO B 162 9.61 29.16 -9.47
C PRO B 162 10.60 29.29 -8.33
N ILE B 163 11.22 28.20 -7.90
CA ILE B 163 12.25 28.29 -6.87
C ILE B 163 13.50 28.96 -7.43
N LEU B 164 13.96 28.53 -8.62
CA LEU B 164 15.12 29.18 -9.24
C LEU B 164 14.89 30.67 -9.38
N ASP B 165 13.69 31.06 -9.81
CA ASP B 165 13.35 32.48 -9.98
C ASP B 165 13.37 33.21 -8.65
N ALA B 166 12.86 32.59 -7.59
CA ALA B 166 12.81 33.25 -6.28
C ALA B 166 14.22 33.42 -5.70
N ILE B 167 15.10 32.43 -5.93
CA ILE B 167 16.48 32.56 -5.48
C ILE B 167 17.14 33.75 -6.15
N GLU B 168 17.01 33.86 -7.47
CA GLU B 168 17.66 34.95 -8.18
C GLU B 168 17.06 36.30 -7.81
N ALA B 169 15.77 36.32 -7.49
CA ALA B 169 15.14 37.58 -7.11
C ALA B 169 15.66 38.11 -5.78
N LYS B 170 16.29 37.27 -4.97
CA LYS B 170 16.79 37.71 -3.66
C LYS B 170 18.26 38.10 -3.68
N HIS B 171 18.89 38.18 -4.85
CA HIS B 171 20.26 38.64 -4.93
C HIS B 171 20.31 40.03 -5.57
N MET C 1 -6.91 7.75 22.88
CA MET C 1 -7.88 8.41 22.02
C MET C 1 -8.67 7.41 21.18
N ASP C 2 -8.38 7.37 19.88
CA ASP C 2 -9.07 6.46 18.98
C ASP C 2 -8.65 5.02 19.29
N ILE C 3 -9.51 4.08 18.94
CA ILE C 3 -9.24 2.66 19.15
C ILE C 3 -8.48 2.12 17.95
N VAL C 4 -7.34 1.48 18.21
CA VAL C 4 -6.49 0.91 17.17
C VAL C 4 -6.75 -0.58 17.14
N MET C 5 -7.01 -1.11 15.95
CA MET C 5 -7.21 -2.54 15.72
C MET C 5 -5.96 -3.06 15.03
N SER C 6 -5.30 -4.05 15.64
CA SER C 6 -4.03 -4.59 15.15
C SER C 6 -4.24 -6.04 14.73
N GLN C 7 -3.96 -6.36 13.47
CA GLN C 7 -4.08 -7.74 13.03
C GLN C 7 -2.72 -8.31 12.64
N SER C 8 -2.55 -9.60 12.89
CA SER C 8 -1.38 -10.31 12.44
C SER C 8 -1.81 -11.77 12.29
N PRO C 9 -1.19 -12.52 11.36
CA PRO C 9 -0.17 -12.04 10.44
C PRO C 9 -0.79 -11.30 9.29
N SER C 10 -0.02 -10.53 8.52
CA SER C 10 -0.61 -9.80 7.40
C SER C 10 -0.93 -10.74 6.24
N SER C 11 -0.19 -11.84 6.11
CA SER C 11 -0.41 -12.80 5.05
C SER C 11 -0.09 -14.18 5.60
N LEU C 12 -0.74 -15.19 5.03
CA LEU C 12 -0.55 -16.56 5.49
C LEU C 12 -0.75 -17.51 4.32
N ALA C 13 0.26 -18.34 4.03
CA ALA C 13 0.15 -19.39 3.02
C ALA C 13 -0.39 -20.65 3.67
N VAL C 14 -1.49 -21.18 3.14
CA VAL C 14 -2.17 -22.31 3.74
C VAL C 14 -2.36 -23.39 2.69
N SER C 15 -2.57 -24.60 3.17
N SER C 15 -2.57 -24.61 3.16
CA SER C 15 -3.04 -25.69 2.32
CA SER C 15 -3.03 -25.71 2.32
C SER C 15 -4.48 -26.02 2.70
C SER C 15 -4.46 -26.06 2.71
N VAL C 16 -5.24 -26.50 1.72
CA VAL C 16 -6.61 -26.94 2.00
C VAL C 16 -6.62 -27.96 3.12
N GLY C 17 -7.53 -27.76 4.08
CA GLY C 17 -7.71 -28.67 5.20
C GLY C 17 -6.98 -28.27 6.46
N GLU C 18 -6.04 -27.34 6.37
CA GLU C 18 -5.29 -26.89 7.52
C GLU C 18 -6.17 -26.07 8.46
N LYS C 19 -5.90 -26.18 9.75
CA LYS C 19 -6.52 -25.30 10.73
C LYS C 19 -5.83 -23.95 10.71
N VAL C 20 -6.60 -22.87 10.69
CA VAL C 20 -6.05 -21.52 10.55
C VAL C 20 -6.54 -20.69 11.71
N THR C 21 -5.63 -19.92 12.32
CA THR C 21 -5.92 -19.02 13.43
C THR C 21 -5.49 -17.61 13.04
N MET C 22 -6.40 -16.65 13.13
CA MET C 22 -6.10 -15.26 12.81
C MET C 22 -6.41 -14.44 14.05
N SER C 23 -5.53 -13.49 14.41
CA SER C 23 -5.63 -12.75 15.65
C SER C 23 -5.87 -11.27 15.41
N CYS C 24 -6.57 -10.62 16.35
N CYS C 24 -6.54 -10.65 16.38
N CYS C 24 -6.65 -10.66 16.28
CA CYS C 24 -6.84 -9.18 16.24
CA CYS C 24 -6.93 -9.24 16.34
CA CYS C 24 -6.70 -9.20 16.31
C CYS C 24 -6.99 -8.58 17.64
C CYS C 24 -6.88 -8.70 17.76
C CYS C 24 -6.76 -8.74 17.75
N LYS C 25 -6.11 -7.62 17.97
CA LYS C 25 -6.02 -6.97 19.26
C LYS C 25 -6.56 -5.55 19.15
N SER C 26 -7.36 -5.15 20.12
N SER C 26 -7.37 -5.15 20.11
CA SER C 26 -7.87 -3.79 20.19
CA SER C 26 -7.86 -3.77 20.17
C SER C 26 -7.12 -3.03 21.28
C SER C 26 -7.14 -3.04 21.27
N SER C 27 -6.85 -1.75 21.05
CA SER C 27 -6.12 -0.98 22.06
C SER C 27 -6.97 -0.63 23.27
N GLN C 28 -8.28 -0.87 23.22
CA GLN C 28 -9.10 -0.72 24.40
C GLN C 28 -10.21 -1.76 24.35
N SER C 29 -10.75 -2.09 25.52
CA SER C 29 -11.77 -3.13 25.60
C SER C 29 -12.99 -2.77 24.76
N LEU C 30 -13.50 -3.77 24.04
CA LEU C 30 -14.69 -3.61 23.21
C LEU C 30 -15.94 -4.21 23.84
N LEU C 31 -15.88 -4.59 25.13
CA LEU C 31 -16.97 -5.22 25.85
C LEU C 31 -17.74 -4.18 26.65
N TYR C 32 -19.05 -4.16 26.50
CA TYR C 32 -19.90 -3.37 27.40
C TYR C 32 -20.38 -4.28 28.52
N SER C 33 -20.06 -3.91 29.76
CA SER C 33 -20.40 -4.78 30.88
C SER C 33 -21.90 -4.99 31.01
N SER C 34 -22.73 -3.98 30.69
CA SER C 34 -24.15 -4.11 31.02
C SER C 34 -24.85 -5.20 30.20
N ASN C 35 -24.40 -5.47 28.98
CA ASN C 35 -25.01 -6.52 28.17
C ASN C 35 -24.03 -7.63 27.82
N GLN C 36 -22.78 -7.52 28.28
CA GLN C 36 -21.75 -8.55 28.11
C GLN C 36 -21.51 -8.87 26.63
N LYS C 37 -21.62 -7.84 25.77
CA LYS C 37 -21.38 -7.99 24.34
C LYS C 37 -20.10 -7.27 23.92
N ASN C 38 -19.36 -7.89 23.00
CA ASN C 38 -18.18 -7.30 22.37
C ASN C 38 -18.55 -6.74 21.01
N TYR C 39 -18.24 -5.46 20.81
CA TYR C 39 -18.60 -4.71 19.61
C TYR C 39 -17.51 -4.86 18.52
N LEU C 40 -17.40 -6.09 18.03
CA LEU C 40 -16.30 -6.52 17.19
C LEU C 40 -16.87 -7.32 16.05
N ALA C 41 -16.47 -7.02 14.81
CA ALA C 41 -16.92 -7.80 13.66
C ALA C 41 -15.73 -8.24 12.82
N TRP C 42 -15.93 -9.33 12.06
CA TRP C 42 -15.00 -9.78 11.04
C TRP C 42 -15.67 -9.74 9.68
N TYR C 43 -14.92 -9.30 8.67
CA TYR C 43 -15.37 -9.28 7.28
C TYR C 43 -14.46 -10.14 6.43
N GLN C 44 -15.05 -10.76 5.43
CA GLN C 44 -14.32 -11.55 4.47
C GLN C 44 -14.37 -10.82 3.13
N GLN C 45 -13.22 -10.66 2.48
CA GLN C 45 -13.20 -9.99 1.18
C GLN C 45 -12.34 -10.77 0.21
N LYS C 46 -12.95 -11.24 -0.87
CA LYS C 46 -12.17 -11.89 -1.91
C LYS C 46 -11.74 -10.87 -2.95
N PRO C 47 -10.65 -11.12 -3.68
CA PRO C 47 -10.18 -10.12 -4.65
C PRO C 47 -11.23 -9.79 -5.71
N GLY C 48 -11.43 -8.50 -5.92
CA GLY C 48 -12.40 -8.06 -6.89
C GLY C 48 -13.83 -8.13 -6.42
N GLN C 49 -14.07 -8.47 -5.16
CA GLN C 49 -15.42 -8.54 -4.63
C GLN C 49 -15.56 -7.57 -3.45
N SER C 50 -16.82 -7.26 -3.11
CA SER C 50 -17.09 -6.43 -1.94
C SER C 50 -16.85 -7.19 -0.63
N PRO C 51 -16.53 -6.48 0.45
CA PRO C 51 -16.48 -7.11 1.76
C PRO C 51 -17.82 -7.70 2.12
N LYS C 52 -17.79 -8.79 2.88
CA LYS C 52 -18.98 -9.48 3.33
C LYS C 52 -18.87 -9.67 4.84
N LEU C 53 -19.96 -9.34 5.55
CA LEU C 53 -19.98 -9.56 6.99
C LEU C 53 -19.91 -11.05 7.27
N LEU C 54 -19.00 -11.43 8.16
CA LEU C 54 -18.74 -12.83 8.50
C LEU C 54 -19.11 -13.19 9.93
N ILE C 55 -18.57 -12.44 10.89
CA ILE C 55 -18.78 -12.66 12.32
C ILE C 55 -19.10 -11.32 12.92
N TYR C 56 -20.01 -11.29 13.89
CA TYR C 56 -20.20 -10.07 14.65
C TYR C 56 -20.52 -10.44 16.08
N TRP C 57 -20.57 -9.44 16.96
CA TRP C 57 -20.55 -9.67 18.41
C TRP C 57 -19.40 -10.63 18.79
N ALA C 58 -18.31 -10.56 18.05
CA ALA C 58 -17.10 -11.37 18.26
C ALA C 58 -17.30 -12.86 17.96
N SER C 59 -18.49 -13.43 18.20
CA SER C 59 -18.64 -14.88 18.04
C SER C 59 -19.89 -15.31 17.29
N THR C 60 -20.71 -14.39 16.81
CA THR C 60 -21.93 -14.76 16.10
C THR C 60 -21.65 -14.85 14.60
N ARG C 61 -21.99 -15.99 14.01
CA ARG C 61 -21.84 -16.15 12.57
C ARG C 61 -23.02 -15.51 11.86
N GLU C 62 -22.73 -14.77 10.79
CA GLU C 62 -23.76 -14.26 9.89
C GLU C 62 -24.46 -15.42 9.18
N SER C 63 -25.66 -15.14 8.68
CA SER C 63 -26.42 -16.13 7.95
C SER C 63 -25.59 -16.74 6.84
N GLY C 64 -25.68 -18.06 6.68
CA GLY C 64 -24.96 -18.76 5.64
C GLY C 64 -23.51 -19.07 5.94
N VAL C 65 -22.94 -18.52 7.01
CA VAL C 65 -21.52 -18.74 7.33
C VAL C 65 -21.36 -20.11 7.97
N PRO C 66 -20.56 -21.00 7.39
CA PRO C 66 -20.48 -22.38 7.88
C PRO C 66 -19.76 -22.49 9.23
N ASP C 67 -20.03 -23.60 9.92
CA ASP C 67 -19.59 -23.71 11.31
C ASP C 67 -18.08 -23.98 11.44
N ARG C 68 -17.36 -24.18 10.35
CA ARG C 68 -15.91 -24.26 10.46
C ARG C 68 -15.29 -22.92 10.85
N PHE C 69 -16.05 -21.82 10.75
CA PHE C 69 -15.60 -20.52 11.23
C PHE C 69 -16.02 -20.34 12.68
N THR C 70 -15.08 -20.00 13.55
CA THR C 70 -15.40 -19.70 14.95
C THR C 70 -14.71 -18.42 15.35
N GLY C 71 -15.48 -17.45 15.84
CA GLY C 71 -14.91 -16.27 16.45
C GLY C 71 -14.88 -16.45 17.97
N SER C 72 -13.82 -15.97 18.59
CA SER C 72 -13.70 -16.11 20.03
C SER C 72 -12.93 -14.91 20.57
N GLY C 73 -12.87 -14.83 21.89
CA GLY C 73 -12.17 -13.76 22.58
C GLY C 73 -13.13 -12.71 23.12
N SER C 74 -12.57 -11.85 23.98
CA SER C 74 -13.37 -10.85 24.66
C SER C 74 -12.46 -9.74 25.14
N GLY C 75 -13.03 -8.55 25.26
CA GLY C 75 -12.27 -7.41 25.76
C GLY C 75 -11.36 -6.84 24.69
N THR C 76 -10.07 -7.24 24.70
CA THR C 76 -9.09 -6.72 23.75
C THR C 76 -8.48 -7.75 22.81
N ASP C 77 -8.63 -9.04 23.07
CA ASP C 77 -7.93 -10.07 22.32
C ASP C 77 -8.95 -10.94 21.62
N PHE C 78 -8.89 -10.99 20.29
CA PHE C 78 -9.87 -11.71 19.49
C PHE C 78 -9.18 -12.63 18.50
N THR C 79 -9.88 -13.71 18.15
CA THR C 79 -9.39 -14.76 17.28
C THR C 79 -10.51 -15.19 16.34
N LEU C 80 -10.16 -15.37 15.08
CA LEU C 80 -11.02 -16.03 14.11
C LEU C 80 -10.33 -17.33 13.71
N THR C 81 -11.01 -18.45 13.89
CA THR C 81 -10.43 -19.75 13.59
C THR C 81 -11.24 -20.43 12.49
N ILE C 82 -10.55 -21.01 11.51
CA ILE C 82 -11.16 -21.89 10.54
C ILE C 82 -10.65 -23.30 10.85
N SER C 83 -11.55 -24.18 11.28
CA SER C 83 -11.13 -25.50 11.75
C SER C 83 -10.50 -26.31 10.62
N SER C 84 -10.92 -26.06 9.38
CA SER C 84 -10.39 -26.79 8.24
C SER C 84 -10.66 -25.93 7.01
N VAL C 85 -9.63 -25.29 6.47
CA VAL C 85 -9.86 -24.28 5.45
C VAL C 85 -10.20 -24.94 4.12
N LYS C 86 -11.22 -24.40 3.46
CA LYS C 86 -11.60 -24.81 2.11
C LYS C 86 -11.10 -23.77 1.11
N ALA C 87 -11.03 -24.18 -0.15
CA ALA C 87 -10.59 -23.25 -1.20
C ALA C 87 -11.45 -21.98 -1.23
N GLU C 88 -12.76 -22.12 -0.98
CA GLU C 88 -13.64 -20.94 -1.00
C GLU C 88 -13.39 -20.00 0.17
N ASP C 89 -12.56 -20.38 1.13
CA ASP C 89 -12.20 -19.52 2.25
C ASP C 89 -10.97 -18.67 1.98
N LEU C 90 -10.30 -18.86 0.85
CA LEU C 90 -9.13 -18.04 0.48
C LEU C 90 -9.61 -16.62 0.22
N ALA C 91 -9.19 -15.69 1.08
CA ALA C 91 -9.72 -14.32 1.09
C ALA C 91 -8.89 -13.49 2.07
N VAL C 92 -9.19 -12.17 2.16
CA VAL C 92 -8.62 -11.30 3.16
C VAL C 92 -9.65 -11.15 4.27
N TYR C 93 -9.21 -11.23 5.52
CA TYR C 93 -10.12 -11.16 6.66
C TYR C 93 -9.79 -9.91 7.46
N TYR C 94 -10.78 -9.05 7.65
CA TYR C 94 -10.59 -7.79 8.36
C TYR C 94 -11.39 -7.80 9.64
N CYS C 95 -10.77 -7.39 10.73
N CYS C 95 -10.78 -7.27 10.70
CA CYS C 95 -11.54 -7.15 11.94
CA CYS C 95 -11.45 -7.11 11.97
C CYS C 95 -11.89 -5.66 12.00
C CYS C 95 -11.75 -5.64 12.24
N GLN C 96 -12.95 -5.36 12.77
CA GLN C 96 -13.40 -3.99 12.89
C GLN C 96 -14.11 -3.82 14.21
N GLN C 97 -13.83 -2.72 14.93
CA GLN C 97 -14.60 -2.36 16.12
C GLN C 97 -15.71 -1.36 15.76
N TYR C 98 -16.89 -1.57 16.31
CA TYR C 98 -18.00 -0.62 16.24
C TYR C 98 -18.44 -0.22 17.64
N TYR C 99 -17.46 -0.12 18.53
CA TYR C 99 -17.67 0.31 19.91
C TYR C 99 -17.72 1.82 20.05
N SER C 100 -16.93 2.55 19.27
CA SER C 100 -16.84 4.00 19.43
C SER C 100 -16.33 4.64 18.13
N TYR C 101 -16.87 5.80 17.78
CA TYR C 101 -16.30 6.56 16.68
C TYR C 101 -14.93 7.08 17.07
N PRO C 102 -13.96 7.13 16.14
CA PRO C 102 -14.04 6.68 14.75
C PRO C 102 -14.04 5.16 14.65
N TYR C 103 -14.89 4.58 13.82
CA TYR C 103 -14.81 3.14 13.63
C TYR C 103 -13.51 2.81 12.93
N THR C 104 -12.85 1.73 13.38
CA THR C 104 -11.51 1.42 12.86
C THR C 104 -11.42 -0.06 12.47
N PHE C 105 -10.69 -0.33 11.37
CA PHE C 105 -10.43 -1.68 10.86
C PHE C 105 -8.98 -2.10 11.12
N GLY C 106 -8.79 -3.39 11.34
CA GLY C 106 -7.43 -3.93 11.28
C GLY C 106 -6.94 -3.98 9.84
N GLY C 107 -5.63 -4.22 9.69
CA GLY C 107 -5.00 -4.26 8.39
C GLY C 107 -5.31 -5.50 7.56
N GLY C 108 -5.98 -6.48 8.15
CA GLY C 108 -6.39 -7.64 7.38
C GLY C 108 -5.34 -8.73 7.41
N THR C 109 -5.81 -9.96 7.31
CA THR C 109 -4.96 -11.13 7.11
C THR C 109 -5.36 -11.78 5.80
N LYS C 110 -4.42 -11.89 4.87
CA LYS C 110 -4.70 -12.51 3.57
C LYS C 110 -4.34 -13.98 3.61
N LEU C 111 -5.29 -14.84 3.27
CA LEU C 111 -5.02 -16.28 3.19
C LEU C 111 -4.82 -16.64 1.72
N GLU C 112 -3.71 -17.29 1.41
CA GLU C 112 -3.46 -17.69 0.03
C GLU C 112 -2.98 -19.13 0.02
N ILE C 113 -3.27 -19.82 -1.06
CA ILE C 113 -2.91 -21.23 -1.15
C ILE C 113 -1.40 -21.36 -1.40
N LYS C 114 -0.82 -22.42 -0.85
CA LYS C 114 0.58 -22.69 -1.14
C LYS C 114 0.72 -23.12 -2.61
N ALA C 115 1.74 -22.58 -3.26
CA ALA C 115 2.04 -22.99 -4.63
C ALA C 115 2.69 -24.36 -4.62
N GLY C 116 2.30 -25.19 -5.59
CA GLY C 116 2.91 -26.47 -5.82
C GLY C 116 3.60 -26.45 -7.18
N SER C 117 4.29 -27.54 -7.47
CA SER C 117 4.96 -27.66 -8.76
C SER C 117 4.07 -28.22 -9.86
N ASP C 118 2.97 -28.89 -9.50
CA ASP C 118 2.04 -29.42 -10.50
C ASP C 118 0.63 -29.37 -9.94
N TYR C 119 -0.33 -29.72 -10.77
CA TYR C 119 -1.73 -29.61 -10.38
C TYR C 119 -2.38 -30.95 -10.08
N GLU C 120 -1.58 -31.98 -9.79
CA GLU C 120 -2.20 -33.27 -9.50
C GLU C 120 -3.06 -33.19 -8.24
N PHE C 121 -2.75 -32.26 -7.34
CA PHE C 121 -3.50 -32.13 -6.09
C PHE C 121 -4.97 -31.78 -6.32
N LEU C 122 -5.32 -31.23 -7.50
CA LEU C 122 -6.71 -30.88 -7.74
C LEU C 122 -7.63 -32.10 -7.78
N LYS C 123 -7.07 -33.30 -7.98
CA LYS C 123 -7.91 -34.49 -7.95
C LYS C 123 -8.56 -34.68 -6.58
N SER C 124 -7.97 -34.14 -5.52
CA SER C 124 -8.56 -34.26 -4.19
C SER C 124 -9.65 -33.23 -3.95
N TRP C 125 -9.91 -32.34 -4.89
CA TRP C 125 -11.01 -31.39 -4.74
C TRP C 125 -12.29 -31.96 -5.34
N THR C 126 -13.43 -31.53 -4.80
CA THR C 126 -14.70 -31.87 -5.41
C THR C 126 -14.95 -30.98 -6.62
N VAL C 127 -15.84 -31.43 -7.51
CA VAL C 127 -16.19 -30.62 -8.69
C VAL C 127 -16.77 -29.28 -8.23
N GLU C 128 -17.57 -29.29 -7.16
CA GLU C 128 -18.12 -28.03 -6.64
C GLU C 128 -17.02 -27.09 -6.16
N ASP C 129 -16.01 -27.60 -5.47
CA ASP C 129 -14.94 -26.72 -5.02
C ASP C 129 -14.10 -26.21 -6.18
N LEU C 130 -13.91 -27.06 -7.21
CA LEU C 130 -13.20 -26.62 -8.40
C LEU C 130 -13.95 -25.51 -9.12
N GLN C 131 -15.27 -25.68 -9.29
CA GLN C 131 -16.07 -24.67 -9.98
C GLN C 131 -16.07 -23.37 -9.20
N LYS C 132 -16.19 -23.44 -7.87
CA LYS C 132 -16.15 -22.22 -7.06
C LYS C 132 -14.82 -21.51 -7.20
N ARG C 133 -13.73 -22.29 -7.19
CA ARG C 133 -12.41 -21.68 -7.35
C ARG C 133 -12.29 -20.98 -8.69
N LEU C 134 -12.77 -21.65 -9.75
CA LEU C 134 -12.77 -21.08 -11.08
C LEU C 134 -13.52 -19.75 -11.10
N LEU C 135 -14.72 -19.73 -10.53
CA LEU C 135 -15.54 -18.52 -10.57
C LEU C 135 -14.95 -17.41 -9.70
N ALA C 136 -14.20 -17.75 -8.65
CA ALA C 136 -13.55 -16.72 -7.83
C ALA C 136 -12.47 -15.98 -8.60
N LEU C 137 -11.92 -16.59 -9.65
CA LEU C 137 -10.90 -15.93 -10.46
C LEU C 137 -11.49 -14.82 -11.32
N ASP C 138 -12.78 -14.91 -11.67
CA ASP C 138 -13.34 -13.94 -12.61
C ASP C 138 -13.35 -12.50 -12.07
N PRO C 139 -13.82 -12.21 -10.85
CA PRO C 139 -13.73 -10.81 -10.38
C PRO C 139 -12.30 -10.38 -10.11
N MET C 140 -11.44 -11.32 -9.68
CA MET C 140 -10.05 -11.00 -9.41
C MET C 140 -9.33 -10.51 -10.66
N CYS C 141 -9.50 -11.24 -11.77
CA CYS C 141 -8.84 -10.82 -12.99
C CYS C 141 -9.44 -9.53 -13.52
N GLU C 142 -10.77 -9.40 -13.41
CA GLU C 142 -11.38 -8.20 -13.93
C GLU C 142 -10.97 -6.97 -13.13
N GLN C 143 -10.71 -7.11 -11.83
CA GLN C 143 -10.27 -5.95 -11.05
C GLN C 143 -8.93 -5.45 -11.58
N GLU C 144 -8.02 -6.36 -11.93
CA GLU C 144 -6.72 -5.95 -12.45
C GLU C 144 -6.86 -5.25 -13.79
N ILE C 145 -7.74 -5.75 -14.64
CA ILE C 145 -7.99 -5.12 -15.93
C ILE C 145 -8.53 -3.71 -15.73
N GLU C 146 -9.49 -3.57 -14.82
CA GLU C 146 -10.07 -2.23 -14.64
C GLU C 146 -9.04 -1.25 -14.08
N GLU C 147 -8.11 -1.72 -13.25
CA GLU C 147 -7.07 -0.83 -12.77
C GLU C 147 -6.19 -0.31 -13.90
N ILE C 148 -5.94 -1.14 -14.92
N ILE C 148 -5.92 -1.14 -14.91
CA ILE C 148 -5.18 -0.68 -16.09
CA ILE C 148 -5.20 -0.68 -16.09
C ILE C 148 -5.99 0.37 -16.85
C ILE C 148 -6.00 0.39 -16.82
N ARG C 149 -7.28 0.12 -17.04
CA ARG C 149 -8.12 1.08 -17.73
C ARG C 149 -8.12 2.42 -17.03
N GLN C 150 -8.12 2.40 -15.68
CA GLN C 150 -8.14 3.66 -14.92
C GLN C 150 -6.82 4.40 -15.05
N LYS C 151 -5.72 3.65 -15.12
CA LYS C 151 -4.41 4.25 -15.34
C LYS C 151 -4.38 4.99 -16.67
N TYR C 152 -4.88 4.35 -17.74
CA TYR C 152 -4.82 4.97 -19.05
C TYR C 152 -5.88 6.06 -19.20
N GLN C 153 -7.00 5.97 -18.47
CA GLN C 153 -7.91 7.11 -18.41
C GLN C 153 -7.19 8.34 -17.88
N SER C 154 -6.39 8.17 -16.83
CA SER C 154 -5.68 9.32 -16.30
C SER C 154 -4.65 9.82 -17.30
N LYS C 155 -4.02 8.91 -18.04
CA LYS C 155 -3.02 9.36 -19.02
C LYS C 155 -3.66 10.11 -20.18
N ARG C 156 -4.85 9.68 -20.62
CA ARG C 156 -5.47 10.22 -21.83
C ARG C 156 -6.13 11.57 -21.59
N GLN C 157 -6.56 11.84 -20.36
CA GLN C 157 -7.43 13.00 -20.13
C GLN C 157 -6.78 14.35 -20.41
N PRO C 158 -5.53 14.61 -20.01
CA PRO C 158 -4.93 15.91 -20.38
C PRO C 158 -4.87 16.11 -21.89
N ILE C 159 -4.65 15.02 -22.63
CA ILE C 159 -4.60 15.09 -24.08
C ILE C 159 -5.97 15.43 -24.64
N LEU C 160 -7.01 14.70 -24.20
CA LEU C 160 -8.36 15.02 -24.63
C LEU C 160 -8.71 16.45 -24.28
N ASP C 161 -8.33 16.90 -23.08
CA ASP C 161 -8.59 18.28 -22.70
C ASP C 161 -7.92 19.26 -23.64
N ALA C 162 -6.66 18.99 -23.99
CA ALA C 162 -5.95 19.89 -24.89
C ALA C 162 -6.53 19.85 -26.30
N ILE C 163 -7.01 18.69 -26.75
CA ILE C 163 -7.62 18.62 -28.09
C ILE C 163 -8.86 19.49 -28.13
N GLU C 164 -9.71 19.39 -27.11
CA GLU C 164 -10.96 20.13 -27.10
C GLU C 164 -10.79 21.60 -26.80
N ALA C 165 -9.65 22.01 -26.24
CA ALA C 165 -9.37 23.41 -25.97
C ALA C 165 -8.85 24.16 -27.21
N LYS C 166 -8.90 23.53 -28.38
CA LYS C 166 -8.55 24.20 -29.62
C LYS C 166 -9.72 25.06 -30.11
N MET D 1 -29.36 -10.60 -3.75
CA MET D 1 -30.21 -10.41 -2.58
C MET D 1 -31.27 -9.36 -2.85
N GLU D 2 -32.40 -9.44 -2.14
CA GLU D 2 -33.42 -8.39 -2.27
C GLU D 2 -32.92 -7.05 -1.77
N VAL D 3 -32.18 -7.04 -0.67
CA VAL D 3 -31.54 -5.81 -0.23
C VAL D 3 -30.37 -5.53 -1.15
N GLN D 4 -30.30 -4.30 -1.66
CA GLN D 4 -29.25 -3.90 -2.59
C GLN D 4 -28.82 -2.45 -2.38
N LEU D 5 -27.52 -2.22 -2.45
CA LEU D 5 -26.95 -0.88 -2.43
C LEU D 5 -26.14 -0.71 -3.71
N LEU D 6 -26.39 0.36 -4.45
CA LEU D 6 -25.74 0.57 -5.74
C LEU D 6 -25.20 1.99 -5.82
N GLU D 7 -23.86 2.12 -5.79
CA GLU D 7 -23.20 3.41 -5.83
C GLU D 7 -22.98 3.88 -7.26
N SER D 8 -22.90 5.20 -7.43
CA SER D 8 -22.54 5.79 -8.70
C SER D 8 -21.84 7.11 -8.43
N GLY D 9 -21.21 7.65 -9.46
CA GLY D 9 -20.61 8.97 -9.42
C GLY D 9 -19.10 9.00 -9.47
N GLY D 10 -18.42 7.86 -9.28
CA GLY D 10 -16.97 7.86 -9.31
C GLY D 10 -16.43 8.44 -10.59
N ASP D 11 -15.27 9.07 -10.50
CA ASP D 11 -14.75 9.77 -11.68
C ASP D 11 -13.30 10.12 -11.41
N LEU D 12 -12.64 10.62 -12.45
CA LEU D 12 -11.30 11.18 -12.37
C LEU D 12 -11.43 12.68 -12.09
N VAL D 13 -10.78 13.14 -11.03
CA VAL D 13 -10.86 14.53 -10.56
C VAL D 13 -9.48 15.07 -10.24
N LYS D 14 -9.29 16.38 -10.42
CA LYS D 14 -8.03 17.01 -10.05
C LYS D 14 -7.94 17.27 -8.55
N PRO D 15 -6.73 17.26 -8.00
CA PRO D 15 -6.54 17.63 -6.59
C PRO D 15 -7.13 19.01 -6.33
N GLY D 16 -7.75 19.16 -5.17
CA GLY D 16 -8.47 20.36 -4.85
C GLY D 16 -9.86 20.42 -5.43
N GLY D 17 -10.23 19.46 -6.28
CA GLY D 17 -11.53 19.44 -6.89
C GLY D 17 -12.60 18.91 -5.95
N SER D 18 -13.79 18.71 -6.51
CA SER D 18 -14.93 18.25 -5.75
C SER D 18 -15.69 17.22 -6.57
N LEU D 19 -16.41 16.34 -5.88
CA LEU D 19 -17.15 15.27 -6.54
C LEU D 19 -18.22 14.80 -5.60
N LYS D 20 -19.38 14.43 -6.14
CA LYS D 20 -20.48 13.93 -5.30
C LYS D 20 -20.86 12.51 -5.71
N LEU D 21 -20.78 11.56 -4.77
CA LEU D 21 -21.19 10.19 -4.97
C LEU D 21 -22.62 9.99 -4.48
N SER D 22 -23.30 9.00 -5.08
CA SER D 22 -24.63 8.63 -4.63
C SER D 22 -24.74 7.11 -4.49
N CYS D 23 -25.72 6.68 -3.67
N CYS D 23 -25.72 6.69 -3.69
CA CYS D 23 -25.94 5.26 -3.36
CA CYS D 23 -25.94 5.27 -3.49
C CYS D 23 -27.45 5.01 -3.39
C CYS D 23 -27.44 5.05 -3.48
N ALA D 24 -27.93 4.21 -4.36
CA ALA D 24 -29.35 3.90 -4.45
C ALA D 24 -29.61 2.66 -3.60
N ALA D 25 -30.51 2.78 -2.65
CA ALA D 25 -30.80 1.72 -1.70
C ALA D 25 -32.15 1.11 -2.07
N SER D 26 -32.22 -0.22 -2.13
CA SER D 26 -33.52 -0.81 -2.43
C SER D 26 -33.73 -2.07 -1.61
N GLY D 27 -35.00 -2.43 -1.44
CA GLY D 27 -35.35 -3.63 -0.75
C GLY D 27 -35.49 -3.52 0.76
N PHE D 28 -35.39 -2.32 1.32
CA PHE D 28 -35.56 -2.16 2.77
C PHE D 28 -36.01 -0.74 3.05
N THR D 29 -36.55 -0.53 4.25
CA THR D 29 -36.95 0.80 4.68
C THR D 29 -35.72 1.61 5.05
N PHE D 30 -35.17 2.29 4.03
CA PHE D 30 -33.94 3.06 4.11
C PHE D 30 -33.97 4.06 5.27
N SER D 31 -35.11 4.72 5.47
CA SER D 31 -35.19 5.76 6.49
C SER D 31 -35.06 5.23 7.93
N SER D 32 -35.06 3.91 8.13
CA SER D 32 -34.94 3.39 9.49
C SER D 32 -33.49 3.17 9.91
N TYR D 33 -32.56 3.26 8.98
CA TYR D 33 -31.20 2.78 9.23
C TYR D 33 -30.14 3.86 9.18
N GLY D 34 -29.23 3.85 10.15
CA GLY D 34 -27.97 4.55 9.96
C GLY D 34 -27.23 3.96 8.76
N MET D 35 -26.57 4.84 8.00
CA MET D 35 -25.88 4.47 6.77
C MET D 35 -24.47 5.04 6.80
N SER D 36 -23.58 4.40 6.06
CA SER D 36 -22.18 4.79 6.12
C SER D 36 -21.52 4.72 4.76
N TRP D 37 -20.36 5.38 4.66
CA TRP D 37 -19.42 5.19 3.55
C TRP D 37 -18.13 4.62 4.12
N VAL D 38 -17.55 3.63 3.44
CA VAL D 38 -16.25 3.04 3.79
C VAL D 38 -15.41 3.01 2.51
N ARG D 39 -14.15 3.42 2.60
CA ARG D 39 -13.38 3.37 1.37
C ARG D 39 -12.27 2.33 1.48
N GLN D 40 -11.83 1.87 0.31
CA GLN D 40 -10.70 0.95 0.26
C GLN D 40 -9.62 1.55 -0.64
N THR D 41 -8.46 1.85 -0.06
CA THR D 41 -7.40 2.51 -0.78
C THR D 41 -6.66 1.48 -1.64
N PRO D 42 -5.78 1.93 -2.56
CA PRO D 42 -5.11 0.96 -3.44
C PRO D 42 -4.31 -0.10 -2.70
N ASP D 43 -3.80 0.19 -1.51
CA ASP D 43 -3.09 -0.83 -0.71
C ASP D 43 -4.04 -1.82 -0.03
N LYS D 44 -5.35 -1.70 -0.26
CA LYS D 44 -6.42 -2.56 0.24
C LYS D 44 -6.75 -2.35 1.72
N ARG D 45 -6.28 -1.28 2.35
CA ARG D 45 -6.78 -1.00 3.69
C ARG D 45 -8.22 -0.48 3.60
N LEU D 46 -9.05 -0.87 4.54
CA LEU D 46 -10.42 -0.37 4.65
C LEU D 46 -10.44 0.77 5.67
N GLU D 47 -11.11 1.86 5.32
CA GLU D 47 -11.18 3.03 6.18
C GLU D 47 -12.60 3.55 6.22
N TRP D 48 -13.16 3.65 7.42
CA TRP D 48 -14.47 4.27 7.56
C TRP D 48 -14.37 5.75 7.24
N VAL D 49 -15.35 6.26 6.46
CA VAL D 49 -15.32 7.60 5.91
C VAL D 49 -16.38 8.50 6.54
N ALA D 50 -17.56 7.96 6.83
CA ALA D 50 -18.66 8.80 7.32
C ALA D 50 -19.84 7.93 7.73
N THR D 51 -20.61 8.37 8.75
CA THR D 51 -21.89 7.76 9.11
C THR D 51 -22.92 8.87 9.28
N ILE D 52 -24.17 8.59 8.90
CA ILE D 52 -25.27 9.53 9.10
C ILE D 52 -26.38 8.79 9.84
N SER D 53 -27.01 9.48 10.80
CA SER D 53 -28.13 8.88 11.51
C SER D 53 -29.29 8.59 10.55
N SER D 54 -30.21 7.74 11.00
CA SER D 54 -31.33 7.30 10.15
C SER D 54 -32.15 8.49 9.63
N GLY D 55 -32.44 9.45 10.50
CA GLY D 55 -33.20 10.65 10.16
C GLY D 55 -32.39 11.76 9.48
N GLY D 56 -31.07 11.66 9.46
CA GLY D 56 -30.23 12.64 8.80
C GLY D 56 -29.73 13.79 9.66
N SER D 57 -30.15 13.89 10.92
CA SER D 57 -29.81 15.04 11.74
C SER D 57 -28.37 15.04 12.25
N TYR D 58 -27.74 13.88 12.35
CA TYR D 58 -26.43 13.76 12.99
C TYR D 58 -25.50 13.00 12.08
N THR D 59 -24.26 13.51 11.96
CA THR D 59 -23.23 12.92 11.11
C THR D 59 -21.93 12.79 11.89
N TYR D 60 -21.09 11.83 11.47
CA TYR D 60 -19.85 11.47 12.13
C TYR D 60 -18.78 11.25 11.08
N TYR D 61 -17.55 11.72 11.36
CA TYR D 61 -16.45 11.64 10.41
C TYR D 61 -15.15 11.37 11.14
N PRO D 62 -14.19 10.70 10.49
CA PRO D 62 -12.84 10.66 11.01
C PRO D 62 -12.09 11.92 10.65
N ASP D 63 -10.99 12.16 11.37
CA ASP D 63 -10.17 13.35 11.14
C ASP D 63 -9.63 13.42 9.71
N SER D 64 -9.47 12.29 9.04
CA SER D 64 -8.89 12.30 7.71
C SER D 64 -9.75 13.01 6.69
N VAL D 65 -11.06 13.14 6.94
CA VAL D 65 -11.93 13.76 5.95
C VAL D 65 -12.78 14.84 6.57
N LYS D 66 -12.74 14.99 7.90
CA LYS D 66 -13.60 15.96 8.54
C LYS D 66 -13.32 17.35 7.99
N GLY D 67 -14.40 18.08 7.71
CA GLY D 67 -14.29 19.40 7.13
C GLY D 67 -14.17 19.40 5.62
N ARG D 68 -13.91 18.26 5.00
CA ARG D 68 -13.77 18.16 3.55
C ARG D 68 -14.87 17.36 2.88
N PHE D 69 -15.38 16.33 3.57
CA PHE D 69 -16.45 15.46 3.10
C PHE D 69 -17.74 15.73 3.86
N THR D 70 -18.89 15.54 3.20
CA THR D 70 -20.20 15.63 3.85
C THR D 70 -21.06 14.46 3.42
N ILE D 71 -21.56 13.67 4.40
CA ILE D 71 -22.53 12.63 4.11
C ILE D 71 -23.93 13.20 4.29
N SER D 72 -24.85 12.83 3.39
CA SER D 72 -26.23 13.33 3.47
C SER D 72 -27.15 12.25 2.92
N ARG D 73 -28.46 12.46 3.10
CA ARG D 73 -29.37 11.40 2.67
C ARG D 73 -30.71 12.01 2.29
N ASP D 74 -31.45 11.29 1.46
CA ASP D 74 -32.82 11.67 1.09
C ASP D 74 -33.66 10.44 1.36
N ASN D 75 -34.43 10.47 2.45
CA ASN D 75 -35.13 9.25 2.87
C ASN D 75 -36.32 8.92 1.99
N ALA D 76 -36.93 9.90 1.34
CA ALA D 76 -38.05 9.60 0.46
C ALA D 76 -37.57 9.03 -0.86
N LYS D 77 -36.39 9.42 -1.31
CA LYS D 77 -35.80 8.96 -2.56
C LYS D 77 -34.83 7.81 -2.37
N ASN D 78 -34.67 7.33 -1.14
CA ASN D 78 -33.86 6.15 -0.84
C ASN D 78 -32.43 6.31 -1.35
N THR D 79 -31.85 7.49 -1.14
CA THR D 79 -30.52 7.76 -1.68
C THR D 79 -29.62 8.24 -0.55
N LEU D 80 -28.38 7.75 -0.56
CA LEU D 80 -27.30 8.24 0.29
C LEU D 80 -26.31 9.01 -0.57
N TYR D 81 -25.72 10.09 -0.03
CA TYR D 81 -24.78 10.90 -0.79
C TYR D 81 -23.47 11.08 -0.04
N LEU D 82 -22.40 11.32 -0.79
CA LEU D 82 -21.12 11.74 -0.20
C LEU D 82 -20.57 12.87 -1.04
N GLN D 83 -20.61 14.09 -0.51
CA GLN D 83 -20.01 15.23 -1.19
C GLN D 83 -18.56 15.36 -0.76
N MET D 84 -17.64 15.37 -1.72
CA MET D 84 -16.22 15.42 -1.44
C MET D 84 -15.64 16.71 -1.98
N SER D 85 -14.96 17.48 -1.13
CA SER D 85 -14.30 18.72 -1.53
C SER D 85 -12.85 18.67 -1.08
N SER D 86 -12.07 19.64 -1.54
CA SER D 86 -10.64 19.75 -1.18
C SER D 86 -9.95 18.41 -1.41
N LEU D 87 -10.21 17.81 -2.57
CA LEU D 87 -9.78 16.44 -2.81
C LEU D 87 -8.26 16.37 -2.88
N LYS D 88 -7.72 15.28 -2.33
CA LYS D 88 -6.29 15.06 -2.25
C LYS D 88 -5.97 13.77 -2.99
N SER D 89 -4.71 13.66 -3.44
CA SER D 89 -4.25 12.44 -4.12
C SER D 89 -4.55 11.20 -3.29
N GLU D 90 -4.39 11.29 -1.97
CA GLU D 90 -4.63 10.16 -1.08
C GLU D 90 -6.11 9.80 -0.93
N ASP D 91 -7.04 10.59 -1.47
CA ASP D 91 -8.43 10.19 -1.43
C ASP D 91 -8.77 9.16 -2.51
N THR D 92 -7.85 8.88 -3.43
CA THR D 92 -8.06 7.86 -4.44
C THR D 92 -8.37 6.52 -3.77
N ALA D 93 -9.54 5.97 -4.05
CA ALA D 93 -9.99 4.74 -3.42
C ALA D 93 -11.27 4.27 -4.09
N MET D 94 -11.63 3.03 -3.80
N MET D 94 -11.65 3.04 -3.78
CA MET D 94 -12.98 2.55 -4.06
CA MET D 94 -13.00 2.58 -4.10
C MET D 94 -13.86 2.95 -2.87
C MET D 94 -13.90 2.87 -2.90
N TYR D 95 -15.00 3.58 -3.16
CA TYR D 95 -15.90 4.05 -2.13
C TYR D 95 -17.13 3.13 -2.06
N TYR D 96 -17.36 2.55 -0.89
CA TYR D 96 -18.49 1.66 -0.65
C TYR D 96 -19.55 2.32 0.20
N CYS D 97 -20.78 2.22 -0.27
N CYS D 97 -20.80 2.23 -0.23
CA CYS D 97 -21.95 2.43 0.56
CA CYS D 97 -21.91 2.58 0.65
C CYS D 97 -22.13 1.22 1.46
C CYS D 97 -22.35 1.32 1.40
N ALA D 98 -22.46 1.44 2.73
CA ALA D 98 -22.72 0.32 3.62
C ALA D 98 -23.85 0.66 4.58
N ARG D 99 -24.68 -0.34 4.86
CA ARG D 99 -25.72 -0.20 5.87
C ARG D 99 -25.15 -0.52 7.24
N GLY D 100 -25.28 0.41 8.19
CA GLY D 100 -24.70 0.17 9.49
C GLY D 100 -23.95 1.39 9.98
N GLY D 101 -23.15 1.21 11.03
CA GLY D 101 -22.70 2.34 11.82
C GLY D 101 -23.72 2.58 12.92
N GLU D 102 -23.52 3.67 13.68
CA GLU D 102 -24.44 4.02 14.77
C GLU D 102 -24.61 2.85 15.75
N GLY D 103 -23.48 2.23 16.13
CA GLY D 103 -23.52 1.16 17.09
C GLY D 103 -23.67 -0.22 16.49
N TYR D 104 -23.68 -0.31 15.18
CA TYR D 104 -23.83 -1.61 14.53
C TYR D 104 -22.74 -1.80 13.49
N TYR D 105 -22.45 -3.09 13.27
CA TYR D 105 -21.64 -3.58 12.17
C TYR D 105 -22.25 -3.18 10.81
N PHE D 106 -21.46 -3.39 9.74
CA PHE D 106 -21.89 -3.09 8.36
C PHE D 106 -22.43 -4.39 7.78
N ASP D 107 -23.77 -4.56 7.75
CA ASP D 107 -24.30 -5.84 7.30
C ASP D 107 -24.52 -5.91 5.78
N TYR D 108 -24.69 -4.78 5.09
CA TYR D 108 -24.80 -4.81 3.64
C TYR D 108 -23.85 -3.77 3.06
N TRP D 109 -23.18 -4.17 1.98
CA TRP D 109 -22.22 -3.35 1.25
C TRP D 109 -22.62 -3.28 -0.21
N GLY D 110 -22.37 -2.13 -0.84
CA GLY D 110 -22.59 -2.03 -2.27
C GLY D 110 -21.44 -2.63 -3.07
N GLN D 111 -21.50 -2.37 -4.37
CA GLN D 111 -20.48 -2.80 -5.31
C GLN D 111 -19.28 -1.85 -5.36
N GLY D 112 -19.41 -0.65 -4.83
CA GLY D 112 -18.31 0.30 -4.83
C GLY D 112 -18.32 1.17 -6.06
N THR D 113 -17.80 2.40 -5.89
CA THR D 113 -17.53 3.28 -7.00
C THR D 113 -16.16 3.91 -6.79
N THR D 114 -15.40 4.10 -7.86
CA THR D 114 -14.00 4.47 -7.75
C THR D 114 -13.80 5.96 -7.98
N LEU D 115 -13.06 6.60 -7.06
CA LEU D 115 -12.56 7.95 -7.24
C LEU D 115 -11.07 7.88 -7.56
N THR D 116 -10.66 8.54 -8.64
CA THR D 116 -9.25 8.72 -8.96
C THR D 116 -8.93 10.20 -8.91
N VAL D 117 -8.01 10.59 -8.03
CA VAL D 117 -7.55 11.98 -7.94
C VAL D 117 -6.21 12.05 -8.66
N SER D 118 -6.14 12.87 -9.71
CA SER D 118 -4.96 12.92 -10.58
C SER D 118 -3.78 13.55 -9.85
N SER D 119 -2.64 13.60 -10.55
CA SER D 119 -1.42 14.09 -9.92
C SER D 119 -1.49 15.58 -9.61
N GLY D 120 -2.19 16.35 -10.43
CA GLY D 120 -2.20 17.80 -10.31
C GLY D 120 -1.10 18.49 -11.08
N SER D 121 -0.41 17.79 -11.97
CA SER D 121 0.65 18.38 -12.76
C SER D 121 0.08 19.36 -13.78
N ASP D 122 0.89 20.36 -14.11
CA ASP D 122 0.50 21.37 -15.07
C ASP D 122 0.84 20.84 -16.45
N TYR D 123 -0.18 20.60 -17.28
CA TYR D 123 0.02 20.11 -18.64
C TYR D 123 -0.23 21.21 -19.66
N GLU D 124 0.15 22.44 -19.31
CA GLU D 124 -0.02 23.55 -20.25
C GLU D 124 0.78 23.33 -21.52
N PHE D 125 1.88 22.58 -21.44
CA PHE D 125 2.71 22.37 -22.63
C PHE D 125 1.96 21.62 -23.73
N LEU D 126 1.01 20.76 -23.35
CA LEU D 126 0.23 20.05 -24.36
C LEU D 126 -0.59 21.01 -25.21
N LYS D 127 -0.92 22.18 -24.66
CA LYS D 127 -1.68 23.19 -25.39
C LYS D 127 -0.90 23.81 -26.55
N SER D 128 0.42 23.59 -26.59
CA SER D 128 1.25 24.04 -27.70
C SER D 128 1.48 22.96 -28.74
N TRP D 129 1.04 21.73 -28.48
CA TRP D 129 1.08 20.69 -29.50
C TRP D 129 -0.02 20.91 -30.51
N THR D 130 0.24 20.49 -31.75
CA THR D 130 -0.83 20.47 -32.75
C THR D 130 -1.84 19.37 -32.43
N VAL D 131 -3.04 19.53 -32.95
CA VAL D 131 -4.06 18.50 -32.78
C VAL D 131 -3.60 17.18 -33.41
N GLU D 132 -2.81 17.25 -34.49
CA GLU D 132 -2.29 16.04 -35.09
C GLU D 132 -1.35 15.29 -34.15
N ASP D 133 -0.46 16.03 -33.48
CA ASP D 133 0.45 15.40 -32.51
C ASP D 133 -0.31 14.87 -31.29
N LEU D 134 -1.36 15.57 -30.87
CA LEU D 134 -2.17 15.08 -29.76
C LEU D 134 -2.92 13.81 -30.12
N GLN D 135 -3.47 13.74 -31.34
CA GLN D 135 -4.21 12.55 -31.75
C GLN D 135 -3.27 11.36 -31.95
N LYS D 136 -2.06 11.62 -32.45
CA LYS D 136 -1.08 10.55 -32.58
C LYS D 136 -0.68 9.99 -31.22
N ARG D 137 -0.55 10.86 -30.23
CA ARG D 137 -0.20 10.40 -28.88
C ARG D 137 -1.30 9.50 -28.33
N LEU D 138 -2.56 9.82 -28.61
CA LEU D 138 -3.66 8.94 -28.21
C LEU D 138 -3.54 7.58 -28.88
N LEU D 139 -3.34 7.56 -30.20
CA LEU D 139 -3.23 6.31 -30.92
C LEU D 139 -2.03 5.49 -30.47
N ALA D 140 -0.95 6.14 -30.01
CA ALA D 140 0.22 5.40 -29.52
C ALA D 140 -0.01 4.78 -28.15
N LEU D 141 -0.91 5.36 -27.35
CA LEU D 141 -1.19 4.80 -26.03
C LEU D 141 -2.08 3.57 -26.12
N ASP D 142 -2.94 3.47 -27.15
CA ASP D 142 -3.87 2.35 -27.23
C ASP D 142 -3.17 1.00 -27.26
N PRO D 143 -2.20 0.72 -28.16
CA PRO D 143 -1.55 -0.61 -28.11
C PRO D 143 -0.80 -0.86 -26.83
N MET D 144 -0.33 0.18 -26.15
CA MET D 144 0.34 -0.03 -24.88
C MET D 144 -0.66 -0.53 -23.84
N MET D 145 -1.86 0.05 -23.83
CA MET D 145 -2.90 -0.45 -22.94
C MET D 145 -3.34 -1.85 -23.35
N GLU D 146 -3.49 -2.10 -24.65
CA GLU D 146 -3.89 -3.43 -25.10
C GLU D 146 -2.85 -4.46 -24.66
N GLN D 147 -1.56 -4.14 -24.78
CA GLN D 147 -0.56 -5.12 -24.37
C GLN D 147 -0.59 -5.35 -22.85
N GLU D 148 -0.84 -4.31 -22.05
CA GLU D 148 -0.90 -4.53 -20.62
C GLU D 148 -2.12 -5.37 -20.23
N ILE D 149 -3.26 -5.13 -20.87
CA ILE D 149 -4.44 -5.93 -20.54
C ILE D 149 -4.26 -7.37 -21.01
N GLU D 150 -3.68 -7.57 -22.18
N GLU D 150 -3.66 -7.58 -22.18
CA GLU D 150 -3.43 -8.93 -22.66
CA GLU D 150 -3.46 -8.94 -22.66
C GLU D 150 -2.58 -9.71 -21.67
C GLU D 150 -2.48 -9.73 -21.78
N GLU D 151 -1.60 -9.06 -21.04
CA GLU D 151 -0.76 -9.76 -20.08
C GLU D 151 -1.59 -10.28 -18.91
N ILE D 152 -2.53 -9.47 -18.43
CA ILE D 152 -3.39 -9.91 -17.36
C ILE D 152 -4.32 -11.01 -17.82
N ARG D 153 -4.88 -10.89 -19.03
CA ARG D 153 -5.78 -11.92 -19.50
C ARG D 153 -5.04 -13.24 -19.68
N GLN D 154 -3.81 -13.19 -20.17
CA GLN D 154 -3.09 -14.45 -20.36
C GLN D 154 -2.73 -15.08 -19.01
N LYS D 155 -2.31 -14.27 -18.04
CA LYS D 155 -2.02 -14.83 -16.72
C LYS D 155 -3.28 -15.44 -16.11
N CYS D 156 -4.42 -14.82 -16.36
N CYS D 156 -4.42 -14.77 -16.31
CA CYS D 156 -5.65 -15.34 -15.78
CA CYS D 156 -5.69 -15.31 -15.80
C CYS D 156 -6.07 -16.65 -16.42
C CYS D 156 -6.00 -16.67 -16.41
N GLN D 157 -5.97 -16.73 -17.74
CA GLN D 157 -6.17 -18.01 -18.43
C GLN D 157 -5.22 -19.08 -17.92
N SER D 158 -3.97 -18.71 -17.63
CA SER D 158 -3.01 -19.69 -17.12
C SER D 158 -3.42 -20.26 -15.75
N LYS D 159 -4.17 -19.50 -14.95
CA LYS D 159 -4.69 -20.03 -13.68
C LYS D 159 -5.98 -20.84 -13.87
N ARG D 160 -6.79 -20.46 -14.86
N ARG D 160 -6.81 -20.46 -14.86
CA ARG D 160 -8.06 -21.15 -15.12
CA ARG D 160 -8.05 -21.19 -15.07
C ARG D 160 -7.86 -22.49 -15.81
C ARG D 160 -7.81 -22.55 -15.73
N GLN D 161 -6.86 -22.62 -16.67
CA GLN D 161 -6.70 -23.83 -17.47
C GLN D 161 -6.57 -25.11 -16.65
N PRO D 162 -5.72 -25.21 -15.62
CA PRO D 162 -5.63 -26.49 -14.89
C PRO D 162 -6.90 -26.82 -14.12
N ILE D 163 -7.65 -25.81 -13.66
CA ILE D 163 -8.91 -26.07 -12.99
C ILE D 163 -9.95 -26.58 -13.98
N LEU D 164 -10.05 -25.93 -15.16
CA LEU D 164 -10.95 -26.40 -16.21
C LEU D 164 -10.62 -27.83 -16.57
N ASP D 165 -9.32 -28.13 -16.68
CA ASP D 165 -8.91 -29.49 -17.04
C ASP D 165 -9.30 -30.49 -15.96
N ALA D 166 -9.16 -30.09 -14.69
CA ALA D 166 -9.48 -31.01 -13.60
C ALA D 166 -10.98 -31.25 -13.51
N ILE D 167 -11.79 -30.22 -13.77
CA ILE D 167 -13.23 -30.44 -13.80
C ILE D 167 -13.60 -31.46 -14.86
N GLU D 168 -13.08 -31.28 -16.07
CA GLU D 168 -13.41 -32.20 -17.15
C GLU D 168 -12.87 -33.60 -16.93
N ALA D 169 -11.72 -33.72 -16.26
CA ALA D 169 -11.11 -35.03 -16.01
C ALA D 169 -11.94 -35.86 -15.06
N LYS D 170 -12.85 -35.24 -14.30
CA LYS D 170 -13.66 -35.94 -13.33
C LYS D 170 -15.01 -36.38 -13.89
N HIS D 171 -15.21 -36.24 -15.20
CA HIS D 171 -16.43 -36.71 -15.86
C HIS D 171 -16.11 -37.92 -16.75
#